data_1QH2
# 
_entry.id   1QH2 
# 
_audit_conform.dict_name       mmcif_pdbx.dic 
_audit_conform.dict_version    5.398 
_audit_conform.dict_location   http://mmcif.pdb.org/dictionaries/ascii/mmcif_pdbx.dic 
# 
loop_
_database_2.database_id 
_database_2.database_code 
_database_2.pdbx_database_accession 
_database_2.pdbx_DOI 
PDB   1QH2         pdb_00001qh2 10.2210/pdb1qh2/pdb 
RCSB  RCSB001033   ?            ?                   
WWPDB D_1000001033 ?            ?                   
# 
loop_
_pdbx_audit_revision_history.ordinal 
_pdbx_audit_revision_history.data_content_type 
_pdbx_audit_revision_history.major_revision 
_pdbx_audit_revision_history.minor_revision 
_pdbx_audit_revision_history.revision_date 
1 'Structure model' 1 0 1999-05-24 
2 'Structure model' 1 1 2007-10-16 
3 'Structure model' 1 2 2011-07-13 
4 'Structure model' 1 3 2022-03-02 
5 'Structure model' 1 4 2023-12-27 
6 'Structure model' 1 5 2024-11-13 
# 
_pdbx_audit_revision_details.ordinal             1 
_pdbx_audit_revision_details.revision_ordinal    1 
_pdbx_audit_revision_details.data_content_type   'Structure model' 
_pdbx_audit_revision_details.provider            repository 
_pdbx_audit_revision_details.type                'Initial release' 
_pdbx_audit_revision_details.description         ? 
_pdbx_audit_revision_details.details             ? 
# 
loop_
_pdbx_audit_revision_group.ordinal 
_pdbx_audit_revision_group.revision_ordinal 
_pdbx_audit_revision_group.data_content_type 
_pdbx_audit_revision_group.group 
1 2 'Structure model' 'Version format compliance' 
2 3 'Structure model' 'Version format compliance' 
3 4 'Structure model' 'Database references'       
4 4 'Structure model' 'Derived calculations'      
5 5 'Structure model' 'Data collection'           
6 6 'Structure model' 'Structure summary'         
# 
loop_
_pdbx_audit_revision_category.ordinal 
_pdbx_audit_revision_category.revision_ordinal 
_pdbx_audit_revision_category.data_content_type 
_pdbx_audit_revision_category.category 
1 4 'Structure model' database_2                
2 4 'Structure model' pdbx_struct_assembly      
3 4 'Structure model' pdbx_struct_oper_list     
4 5 'Structure model' chem_comp_atom            
5 5 'Structure model' chem_comp_bond            
6 6 'Structure model' pdbx_entry_details        
7 6 'Structure model' pdbx_modification_feature 
# 
loop_
_pdbx_audit_revision_item.ordinal 
_pdbx_audit_revision_item.revision_ordinal 
_pdbx_audit_revision_item.data_content_type 
_pdbx_audit_revision_item.item 
1 4 'Structure model' '_database_2.pdbx_DOI'                         
2 4 'Structure model' '_database_2.pdbx_database_accession'          
3 6 'Structure model' '_pdbx_entry_details.has_protein_modification' 
# 
_pdbx_database_status.status_code                     REL 
_pdbx_database_status.entry_id                        1QH2 
_pdbx_database_status.recvd_initial_deposition_date   1999-05-11 
_pdbx_database_status.deposit_site                    BNL 
_pdbx_database_status.process_site                    RCSB 
_pdbx_database_status.SG_entry                        . 
_pdbx_database_status.pdb_format_compatible           Y 
_pdbx_database_status.status_code_mr                  ? 
_pdbx_database_status.status_code_sf                  ? 
_pdbx_database_status.status_code_cs                  ? 
_pdbx_database_status.status_code_nmr_data            ? 
_pdbx_database_status.methods_development_category    ? 
# 
loop_
_audit_author.name 
_audit_author.pdbx_ordinal 
'Lee, M.C.S.'    1 
'Scanlon, M.J.'  2 
'Anderson, M.A.' 3 
'Craik, D.J.'    4 
# 
loop_
_citation.id 
_citation.title 
_citation.journal_abbrev 
_citation.journal_volume 
_citation.page_first 
_citation.page_last 
_citation.year 
_citation.journal_id_ASTM 
_citation.country 
_citation.journal_id_ISSN 
_citation.journal_id_CSD 
_citation.book_publisher 
_citation.pdbx_database_id_PubMed 
_citation.pdbx_database_id_DOI 
primary 'A novel two-chain proteinase inhibitor generated by circularization of a multidomain precursor protein.' Nat.Struct.Biol. 
6   526 530 1999 NSBIEW US 1072-8368 2024 ? 10360353 10.1038/9293           
1       
'The Three-Dimensional Solution Structure by 1H NMR of a 6-kDa Proteinase Inhibitor Isolated from the Stigma of Nicotiana Alata' 
J.Mol.Biol.      242 231 ?   1994 JMOBAK UK 0022-2836 0070 ? ?        10.1006/jmbi.1994.1575 
# 
loop_
_citation_author.citation_id 
_citation_author.name 
_citation_author.ordinal 
_citation_author.identifier_ORCID 
primary 'Lee, M.C.'      1 ? 
primary 'Scanlon, M.J.'  2 ? 
primary 'Craik, D.J.'    3 ? 
primary 'Anderson, M.A.' 4 ? 
1       'Nielsen, K.J.'  5 ? 
1       'Heath, R.L.'    6 ? 
1       'Anderson, M.A.' 7 ? 
1       'Craik, D.J.'    8 ? 
# 
loop_
_entity.id 
_entity.type 
_entity.src_method 
_entity.pdbx_description 
_entity.formula_weight 
_entity.pdbx_number_of_molecules 
_entity.pdbx_ec 
_entity.pdbx_mutation 
_entity.pdbx_fragment 
_entity.details 
1 polymer nat 'PROTEIN (TRYPSIN INHIBITOR C2)' 1983.362 1 ? ? ? ? 
2 polymer nat 'PROTEIN (TRYPSIN INHIBITOR C2)' 3040.453 1 ? ? ? ? 
# 
loop_
_entity_poly.entity_id 
_entity_poly.type 
_entity_poly.nstd_linkage 
_entity_poly.nstd_monomer 
_entity_poly.pdbx_seq_one_letter_code 
_entity_poly.pdbx_seq_one_letter_code_can 
_entity_poly.pdbx_strand_id 
_entity_poly.pdbx_target_identifier 
1 'polypeptide(L)' no no KACTLNCDPRIAYGVCPR           KACTLNCDPRIAYGVCPR           A ? 
2 'polypeptide(L)' no no RICTNCCAGKKGCKYFSDDGTFICEGES RICTNCCAGKKGCKYFSDDGTFICEGES B ? 
# 
loop_
_entity_poly_seq.entity_id 
_entity_poly_seq.num 
_entity_poly_seq.mon_id 
_entity_poly_seq.hetero 
1 1  LYS n 
1 2  ALA n 
1 3  CYS n 
1 4  THR n 
1 5  LEU n 
1 6  ASN n 
1 7  CYS n 
1 8  ASP n 
1 9  PRO n 
1 10 ARG n 
1 11 ILE n 
1 12 ALA n 
1 13 TYR n 
1 14 GLY n 
1 15 VAL n 
1 16 CYS n 
1 17 PRO n 
1 18 ARG n 
2 1  ARG n 
2 2  ILE n 
2 3  CYS n 
2 4  THR n 
2 5  ASN n 
2 6  CYS n 
2 7  CYS n 
2 8  ALA n 
2 9  GLY n 
2 10 LYS n 
2 11 LYS n 
2 12 GLY n 
2 13 CYS n 
2 14 LYS n 
2 15 TYR n 
2 16 PHE n 
2 17 SER n 
2 18 ASP n 
2 19 ASP n 
2 20 GLY n 
2 21 THR n 
2 22 PHE n 
2 23 ILE n 
2 24 CYS n 
2 25 GLU n 
2 26 GLY n 
2 27 GLU n 
2 28 SER n 
# 
loop_
_entity_src_nat.entity_id 
_entity_src_nat.pdbx_src_id 
_entity_src_nat.pdbx_alt_source_flag 
_entity_src_nat.pdbx_beg_seq_num 
_entity_src_nat.pdbx_end_seq_num 
_entity_src_nat.common_name 
_entity_src_nat.pdbx_organism_scientific 
_entity_src_nat.pdbx_ncbi_taxonomy_id 
_entity_src_nat.genus 
_entity_src_nat.species 
_entity_src_nat.strain 
_entity_src_nat.tissue 
_entity_src_nat.tissue_fraction 
_entity_src_nat.pdbx_secretion 
_entity_src_nat.pdbx_fragment 
_entity_src_nat.pdbx_variant 
_entity_src_nat.pdbx_cell_line 
_entity_src_nat.pdbx_atcc 
_entity_src_nat.pdbx_cellular_location 
_entity_src_nat.pdbx_organ 
_entity_src_nat.pdbx_organelle 
_entity_src_nat.pdbx_cell 
_entity_src_nat.pdbx_plasmid_name 
_entity_src_nat.pdbx_plasmid_details 
_entity_src_nat.details 
1 1 sample ? ? 'Persian tobacco' 'Nicotiana alata' 4087 Nicotiana ? ? ? ? ? ? ? ? ? ? STIGMA ? ? ? ? ? 
2 1 sample ? ? 'Persian tobacco' 'Nicotiana alata' 4087 Nicotiana ? ? ? ? ? ? ? ? ? ? STIGMA ? ? ? ? ? 
# 
loop_
_chem_comp.id 
_chem_comp.type 
_chem_comp.mon_nstd_flag 
_chem_comp.name 
_chem_comp.pdbx_synonyms 
_chem_comp.formula 
_chem_comp.formula_weight 
ALA 'L-peptide linking' y ALANINE         ? 'C3 H7 N O2'     89.093  
ARG 'L-peptide linking' y ARGININE        ? 'C6 H15 N4 O2 1' 175.209 
ASN 'L-peptide linking' y ASPARAGINE      ? 'C4 H8 N2 O3'    132.118 
ASP 'L-peptide linking' y 'ASPARTIC ACID' ? 'C4 H7 N O4'     133.103 
CYS 'L-peptide linking' y CYSTEINE        ? 'C3 H7 N O2 S'   121.158 
GLU 'L-peptide linking' y 'GLUTAMIC ACID' ? 'C5 H9 N O4'     147.129 
GLY 'peptide linking'   y GLYCINE         ? 'C2 H5 N O2'     75.067  
ILE 'L-peptide linking' y ISOLEUCINE      ? 'C6 H13 N O2'    131.173 
LEU 'L-peptide linking' y LEUCINE         ? 'C6 H13 N O2'    131.173 
LYS 'L-peptide linking' y LYSINE          ? 'C6 H15 N2 O2 1' 147.195 
PHE 'L-peptide linking' y PHENYLALANINE   ? 'C9 H11 N O2'    165.189 
PRO 'L-peptide linking' y PROLINE         ? 'C5 H9 N O2'     115.130 
SER 'L-peptide linking' y SERINE          ? 'C3 H7 N O3'     105.093 
THR 'L-peptide linking' y THREONINE       ? 'C4 H9 N O3'     119.119 
TYR 'L-peptide linking' y TYROSINE        ? 'C9 H11 N O3'    181.189 
VAL 'L-peptide linking' y VALINE          ? 'C5 H11 N O2'    117.146 
# 
loop_
_pdbx_poly_seq_scheme.asym_id 
_pdbx_poly_seq_scheme.entity_id 
_pdbx_poly_seq_scheme.seq_id 
_pdbx_poly_seq_scheme.mon_id 
_pdbx_poly_seq_scheme.ndb_seq_num 
_pdbx_poly_seq_scheme.pdb_seq_num 
_pdbx_poly_seq_scheme.auth_seq_num 
_pdbx_poly_seq_scheme.pdb_mon_id 
_pdbx_poly_seq_scheme.auth_mon_id 
_pdbx_poly_seq_scheme.pdb_strand_id 
_pdbx_poly_seq_scheme.pdb_ins_code 
_pdbx_poly_seq_scheme.hetero 
A 1 1  LYS 1  1  1  LYS LYS A . n 
A 1 2  ALA 2  2  2  ALA ALA A . n 
A 1 3  CYS 3  3  3  CYS CYS A . n 
A 1 4  THR 4  4  4  THR THR A . n 
A 1 5  LEU 5  5  5  LEU LEU A . n 
A 1 6  ASN 6  6  6  ASN ASN A . n 
A 1 7  CYS 7  7  7  CYS CYS A . n 
A 1 8  ASP 8  8  8  ASP ASP A . n 
A 1 9  PRO 9  9  9  PRO PRO A . n 
A 1 10 ARG 10 10 10 ARG ARG A . n 
A 1 11 ILE 11 11 11 ILE ILE A . n 
A 1 12 ALA 12 12 12 ALA ALA A . n 
A 1 13 TYR 13 13 13 TYR TYR A . n 
A 1 14 GLY 14 14 14 GLY GLY A . n 
A 1 15 VAL 15 15 15 VAL VAL A . n 
A 1 16 CYS 16 16 16 CYS CYS A . n 
A 1 17 PRO 17 17 17 PRO PRO A . n 
A 1 18 ARG 18 18 18 ARG ARG A . n 
B 2 1  ARG 1  1  1  ARG ARG B . n 
B 2 2  ILE 2  2  2  ILE ILE B . n 
B 2 3  CYS 3  3  3  CYS CYS B . n 
B 2 4  THR 4  4  4  THR THR B . n 
B 2 5  ASN 5  5  5  ASN ASN B . n 
B 2 6  CYS 6  6  6  CYS CYS B . n 
B 2 7  CYS 7  7  7  CYS CYS B . n 
B 2 8  ALA 8  8  8  ALA ALA B . n 
B 2 9  GLY 9  9  9  GLY GLY B . n 
B 2 10 LYS 10 10 10 LYS LYS B . n 
B 2 11 LYS 11 11 11 LYS LYS B . n 
B 2 12 GLY 12 12 12 GLY GLY B . n 
B 2 13 CYS 13 13 13 CYS CYS B . n 
B 2 14 LYS 14 14 14 LYS LYS B . n 
B 2 15 TYR 15 15 15 TYR TYR B . n 
B 2 16 PHE 16 16 16 PHE PHE B . n 
B 2 17 SER 17 17 17 SER SER B . n 
B 2 18 ASP 18 18 18 ASP ASP B . n 
B 2 19 ASP 19 19 19 ASP ASP B . n 
B 2 20 GLY 20 20 20 GLY GLY B . n 
B 2 21 THR 21 21 21 THR THR B . n 
B 2 22 PHE 22 22 22 PHE PHE B . n 
B 2 23 ILE 23 23 23 ILE ILE B . n 
B 2 24 CYS 24 24 24 CYS CYS B . n 
B 2 25 GLU 25 25 25 GLU GLU B . n 
B 2 26 GLY 26 26 26 GLY GLY B . n 
B 2 27 GLU 27 27 27 GLU GLU B . n 
B 2 28 SER 28 28 28 SER SER B . n 
# 
_cell.entry_id           1QH2 
_cell.length_a           1.000 
_cell.length_b           1.000 
_cell.length_c           1.000 
_cell.angle_alpha        90.00 
_cell.angle_beta         90.00 
_cell.angle_gamma        90.00 
_cell.Z_PDB              1 
_cell.pdbx_unique_axis   ? 
# 
_symmetry.entry_id                         1QH2 
_symmetry.space_group_name_H-M             'P 1' 
_symmetry.pdbx_full_space_group_name_H-M   ? 
_symmetry.cell_setting                     ? 
_symmetry.Int_Tables_number                1 
# 
_exptl.entry_id          1QH2 
_exptl.method            'SOLUTION NMR' 
_exptl.crystals_number   ? 
# 
_struct.entry_id                  1QH2 
_struct.title                     'CHYMOTRYPSIN INHIBITOR (C2) FROM NICOTIANA ALATA' 
_struct.pdbx_model_details        ? 
_struct.pdbx_CASP_flag            ? 
_struct.pdbx_model_type_details   ? 
# 
_struct_keywords.entry_id        1QH2 
_struct_keywords.pdbx_keywords   'HYDROLASE INHIBITOR' 
_struct_keywords.text            
'PROTEINASE INHIBITOR (CHYMOTRYPSIN), SERINE PROTEINASE INHIBITOR, POTATO II TRYPSIN INHIBITOR, NICOTIANA ALATA, HYDROLASE INHIBITOR' 
# 
loop_
_struct_asym.id 
_struct_asym.pdbx_blank_PDB_chainid_flag 
_struct_asym.pdbx_modified 
_struct_asym.entity_id 
_struct_asym.details 
A N N 1 ? 
B N N 2 ? 
# 
loop_
_struct_ref.id 
_struct_ref.db_name 
_struct_ref.db_code 
_struct_ref.pdbx_db_accession 
_struct_ref.entity_id 
_struct_ref.pdbx_align_begin 
_struct_ref.pdbx_db_isoform 
_struct_ref.pdbx_seq_one_letter_code 
1 UNP Q40378_NICAL Q40378 1 30  ? ? 
2 UNP Q40378_NICAL Q40378 2 345 ? ? 
# 
loop_
_struct_ref_seq.align_id 
_struct_ref_seq.ref_id 
_struct_ref_seq.pdbx_PDB_id_code 
_struct_ref_seq.pdbx_strand_id 
_struct_ref_seq.seq_align_beg 
_struct_ref_seq.pdbx_seq_align_beg_ins_code 
_struct_ref_seq.seq_align_end 
_struct_ref_seq.pdbx_seq_align_end_ins_code 
_struct_ref_seq.pdbx_db_accession 
_struct_ref_seq.db_align_beg 
_struct_ref_seq.pdbx_db_align_beg_ins_code 
_struct_ref_seq.db_align_end 
_struct_ref_seq.pdbx_db_align_end_ins_code 
_struct_ref_seq.pdbx_auth_seq_align_beg 
_struct_ref_seq.pdbx_auth_seq_align_end 
1 1 1QH2 A 1 ? 18 ? Q40378 30  ? 47  ? 1 18 
2 2 1QH2 B 1 ? 28 ? Q40378 345 ? 372 ? 1 28 
# 
_pdbx_struct_assembly.id                   1 
_pdbx_struct_assembly.details              author_defined_assembly 
_pdbx_struct_assembly.method_details       ? 
_pdbx_struct_assembly.oligomeric_details   dimeric 
_pdbx_struct_assembly.oligomeric_count     2 
# 
_pdbx_struct_assembly_gen.assembly_id       1 
_pdbx_struct_assembly_gen.oper_expression   1 
_pdbx_struct_assembly_gen.asym_id_list      A,B 
# 
_pdbx_struct_oper_list.id                   1 
_pdbx_struct_oper_list.type                 'identity operation' 
_pdbx_struct_oper_list.name                 1_555 
_pdbx_struct_oper_list.symmetry_operation   x,y,z 
_pdbx_struct_oper_list.matrix[1][1]         1.0000000000 
_pdbx_struct_oper_list.matrix[1][2]         0.0000000000 
_pdbx_struct_oper_list.matrix[1][3]         0.0000000000 
_pdbx_struct_oper_list.vector[1]            0.0000000000 
_pdbx_struct_oper_list.matrix[2][1]         0.0000000000 
_pdbx_struct_oper_list.matrix[2][2]         1.0000000000 
_pdbx_struct_oper_list.matrix[2][3]         0.0000000000 
_pdbx_struct_oper_list.vector[2]            0.0000000000 
_pdbx_struct_oper_list.matrix[3][1]         0.0000000000 
_pdbx_struct_oper_list.matrix[3][2]         0.0000000000 
_pdbx_struct_oper_list.matrix[3][3]         1.0000000000 
_pdbx_struct_oper_list.vector[3]            0.0000000000 
# 
_struct_biol.id   1 
# 
loop_
_struct_conn.id 
_struct_conn.conn_type_id 
_struct_conn.pdbx_leaving_atom_flag 
_struct_conn.pdbx_PDB_id 
_struct_conn.ptnr1_label_asym_id 
_struct_conn.ptnr1_label_comp_id 
_struct_conn.ptnr1_label_seq_id 
_struct_conn.ptnr1_label_atom_id 
_struct_conn.pdbx_ptnr1_label_alt_id 
_struct_conn.pdbx_ptnr1_PDB_ins_code 
_struct_conn.pdbx_ptnr1_standard_comp_id 
_struct_conn.ptnr1_symmetry 
_struct_conn.ptnr2_label_asym_id 
_struct_conn.ptnr2_label_comp_id 
_struct_conn.ptnr2_label_seq_id 
_struct_conn.ptnr2_label_atom_id 
_struct_conn.pdbx_ptnr2_label_alt_id 
_struct_conn.pdbx_ptnr2_PDB_ins_code 
_struct_conn.ptnr1_auth_asym_id 
_struct_conn.ptnr1_auth_comp_id 
_struct_conn.ptnr1_auth_seq_id 
_struct_conn.ptnr2_auth_asym_id 
_struct_conn.ptnr2_auth_comp_id 
_struct_conn.ptnr2_auth_seq_id 
_struct_conn.ptnr2_symmetry 
_struct_conn.pdbx_ptnr3_label_atom_id 
_struct_conn.pdbx_ptnr3_label_seq_id 
_struct_conn.pdbx_ptnr3_label_comp_id 
_struct_conn.pdbx_ptnr3_label_asym_id 
_struct_conn.pdbx_ptnr3_label_alt_id 
_struct_conn.pdbx_ptnr3_PDB_ins_code 
_struct_conn.details 
_struct_conn.pdbx_dist_value 
_struct_conn.pdbx_value_order 
_struct_conn.pdbx_role 
disulf1 disulf ? ? A CYS 3  SG ? ? ? 1_555 B CYS 7  SG ? ? A CYS 3  B CYS 7  1_555 ? ? ? ? ? ? ? 2.020 ? ? 
disulf2 disulf ? ? A CYS 7  SG ? ? ? 1_555 B CYS 3  SG ? ? A CYS 7  B CYS 3  1_555 ? ? ? ? ? ? ? 2.020 ? ? 
disulf3 disulf ? ? A CYS 16 SG ? ? ? 1_555 B CYS 13 SG ? ? A CYS 16 B CYS 13 1_555 ? ? ? ? ? ? ? 2.020 ? ? 
disulf4 disulf ? ? B CYS 6  SG ? ? ? 1_555 B CYS 24 SG ? ? B CYS 6  B CYS 24 1_555 ? ? ? ? ? ? ? 2.023 ? ? 
# 
_struct_conn_type.id          disulf 
_struct_conn_type.criteria    ? 
_struct_conn_type.reference   ? 
# 
loop_
_pdbx_modification_feature.ordinal 
_pdbx_modification_feature.label_comp_id 
_pdbx_modification_feature.label_asym_id 
_pdbx_modification_feature.label_seq_id 
_pdbx_modification_feature.label_alt_id 
_pdbx_modification_feature.modified_residue_label_comp_id 
_pdbx_modification_feature.modified_residue_label_asym_id 
_pdbx_modification_feature.modified_residue_label_seq_id 
_pdbx_modification_feature.modified_residue_label_alt_id 
_pdbx_modification_feature.auth_comp_id 
_pdbx_modification_feature.auth_asym_id 
_pdbx_modification_feature.auth_seq_id 
_pdbx_modification_feature.PDB_ins_code 
_pdbx_modification_feature.symmetry 
_pdbx_modification_feature.modified_residue_auth_comp_id 
_pdbx_modification_feature.modified_residue_auth_asym_id 
_pdbx_modification_feature.modified_residue_auth_seq_id 
_pdbx_modification_feature.modified_residue_PDB_ins_code 
_pdbx_modification_feature.modified_residue_symmetry 
_pdbx_modification_feature.comp_id_linking_atom 
_pdbx_modification_feature.modified_residue_id_linking_atom 
_pdbx_modification_feature.modified_residue_id 
_pdbx_modification_feature.ref_pcm_id 
_pdbx_modification_feature.ref_comp_id 
_pdbx_modification_feature.type 
_pdbx_modification_feature.category 
1 CYS A 3  ? CYS B 7  ? CYS A 3  ? 1_555 CYS B 7  ? 1_555 SG SG . . . None 'Disulfide bridge' 
2 CYS A 7  ? CYS B 3  ? CYS A 7  ? 1_555 CYS B 3  ? 1_555 SG SG . . . None 'Disulfide bridge' 
3 CYS A 16 ? CYS B 13 ? CYS A 16 ? 1_555 CYS B 13 ? 1_555 SG SG . . . None 'Disulfide bridge' 
4 CYS B 6  ? CYS B 24 ? CYS B 6  ? 1_555 CYS B 24 ? 1_555 SG SG . . . None 'Disulfide bridge' 
# 
_struct_sheet.id               A 
_struct_sheet.type             ? 
_struct_sheet.number_strands   2 
_struct_sheet.details          ? 
# 
_struct_sheet_order.sheet_id     A 
_struct_sheet_order.range_id_1   1 
_struct_sheet_order.range_id_2   2 
_struct_sheet_order.offset       ? 
_struct_sheet_order.sense        anti-parallel 
# 
loop_
_struct_sheet_range.sheet_id 
_struct_sheet_range.id 
_struct_sheet_range.beg_label_comp_id 
_struct_sheet_range.beg_label_asym_id 
_struct_sheet_range.beg_label_seq_id 
_struct_sheet_range.pdbx_beg_PDB_ins_code 
_struct_sheet_range.end_label_comp_id 
_struct_sheet_range.end_label_asym_id 
_struct_sheet_range.end_label_seq_id 
_struct_sheet_range.pdbx_end_PDB_ins_code 
_struct_sheet_range.beg_auth_comp_id 
_struct_sheet_range.beg_auth_asym_id 
_struct_sheet_range.beg_auth_seq_id 
_struct_sheet_range.end_auth_comp_id 
_struct_sheet_range.end_auth_asym_id 
_struct_sheet_range.end_auth_seq_id 
A 1 TYR A 13 ? VAL A 15 ? TYR A 13 VAL A 15 
A 2 LYS B 14 ? PHE B 16 ? LYS B 14 PHE B 16 
# 
_pdbx_struct_sheet_hbond.sheet_id                A 
_pdbx_struct_sheet_hbond.range_id_1              1 
_pdbx_struct_sheet_hbond.range_id_2              2 
_pdbx_struct_sheet_hbond.range_1_label_atom_id   O 
_pdbx_struct_sheet_hbond.range_1_label_comp_id   TYR 
_pdbx_struct_sheet_hbond.range_1_label_asym_id   A 
_pdbx_struct_sheet_hbond.range_1_label_seq_id    13 
_pdbx_struct_sheet_hbond.range_1_PDB_ins_code    ? 
_pdbx_struct_sheet_hbond.range_1_auth_atom_id    O 
_pdbx_struct_sheet_hbond.range_1_auth_comp_id    TYR 
_pdbx_struct_sheet_hbond.range_1_auth_asym_id    A 
_pdbx_struct_sheet_hbond.range_1_auth_seq_id     13 
_pdbx_struct_sheet_hbond.range_2_label_atom_id   N 
_pdbx_struct_sheet_hbond.range_2_label_comp_id   PHE 
_pdbx_struct_sheet_hbond.range_2_label_asym_id   B 
_pdbx_struct_sheet_hbond.range_2_label_seq_id    16 
_pdbx_struct_sheet_hbond.range_2_PDB_ins_code    ? 
_pdbx_struct_sheet_hbond.range_2_auth_atom_id    N 
_pdbx_struct_sheet_hbond.range_2_auth_comp_id    PHE 
_pdbx_struct_sheet_hbond.range_2_auth_asym_id    B 
_pdbx_struct_sheet_hbond.range_2_auth_seq_id     16 
# 
_struct_site.id                   S1 
_struct_site.pdbx_evidence_code   Author 
_struct_site.pdbx_auth_asym_id    ? 
_struct_site.pdbx_auth_comp_id    ? 
_struct_site.pdbx_auth_seq_id     ? 
_struct_site.pdbx_auth_ins_code   ? 
_struct_site.pdbx_num_residues    2 
_struct_site.details              'CHYMOTRYPSIN REACTIVE SITE' 
# 
loop_
_struct_site_gen.id 
_struct_site_gen.site_id 
_struct_site_gen.pdbx_num_res 
_struct_site_gen.label_comp_id 
_struct_site_gen.label_asym_id 
_struct_site_gen.label_seq_id 
_struct_site_gen.pdbx_auth_ins_code 
_struct_site_gen.auth_comp_id 
_struct_site_gen.auth_asym_id 
_struct_site_gen.auth_seq_id 
_struct_site_gen.label_atom_id 
_struct_site_gen.label_alt_id 
_struct_site_gen.symmetry 
_struct_site_gen.details 
1 S1 2 LEU A 5 ? LEU A 5 . ? 1_555 ? 
2 S1 2 ASN A 6 ? ASN A 6 . ? 1_555 ? 
# 
_pdbx_entry_details.entry_id                   1QH2 
_pdbx_entry_details.compound_details           ? 
_pdbx_entry_details.source_details             ? 
_pdbx_entry_details.nonpolymer_details         ? 
_pdbx_entry_details.sequence_details           
;SEQUENCE REFERENCE: A.H.ATKINSON,R.L.HEATH, R.L.SIMPSON,
  A.C.CLARKE,M.A.ANDERSON, PLANT CELL, 5, 203-213.
;
_pdbx_entry_details.has_ligand_of_interest     ? 
_pdbx_entry_details.has_protein_modification   Y 
# 
loop_
_pdbx_validate_torsion.id 
_pdbx_validate_torsion.PDB_model_num 
_pdbx_validate_torsion.auth_comp_id 
_pdbx_validate_torsion.auth_asym_id 
_pdbx_validate_torsion.auth_seq_id 
_pdbx_validate_torsion.PDB_ins_code 
_pdbx_validate_torsion.label_alt_id 
_pdbx_validate_torsion.phi 
_pdbx_validate_torsion.psi 
1  1 ALA A 2  ? ? 56.41   -166.44 
2  1 LEU A 5  ? ? -135.01 -126.31 
3  1 ASN A 6  ? ? 51.97   92.12   
4  1 CYS A 7  ? ? -160.47 51.86   
5  1 ASP A 8  ? ? 61.01   130.24  
6  1 ARG A 10 ? ? -152.55 -10.09  
7  1 ILE A 11 ? ? -59.65  170.25  
8  1 ALA A 12 ? ? -131.49 -67.99  
9  1 CYS B 3  ? ? -165.20 0.03    
10 1 THR B 4  ? ? 73.84   118.68  
11 1 ASN B 5  ? ? 118.34  135.41  
12 1 CYS B 6  ? ? -55.90  15.11   
13 1 ALA B 8  ? ? -157.91 29.97   
14 1 LYS B 11 ? ? 86.23   65.47   
15 1 ASP B 18 ? ? 45.45   -70.43  
16 1 ILE B 23 ? ? -143.83 -42.93  
17 1 GLU B 25 ? ? -84.08  43.39   
18 1 GLU B 27 ? ? 152.73  -1.67   
# 
_pdbx_nmr_ensemble.entry_id                                      1QH2 
_pdbx_nmr_ensemble.conformers_calculated_total_number            ? 
_pdbx_nmr_ensemble.conformers_submitted_total_number             1 
_pdbx_nmr_ensemble.conformer_selection_criteria                  ? 
_pdbx_nmr_ensemble.average_constraints_per_residue               ? 
_pdbx_nmr_ensemble.average_constraint_violations_per_residue     ? 
_pdbx_nmr_ensemble.maximum_distance_constraint_violation         ? 
_pdbx_nmr_ensemble.average_distance_constraint_violation         ? 
_pdbx_nmr_ensemble.maximum_upper_distance_constraint_violation   ? 
_pdbx_nmr_ensemble.maximum_lower_distance_constraint_violation   ? 
_pdbx_nmr_ensemble.distance_constraint_violation_method          ? 
_pdbx_nmr_ensemble.maximum_torsion_angle_constraint_violation    ? 
_pdbx_nmr_ensemble.average_torsion_angle_constraint_violation    ? 
_pdbx_nmr_ensemble.torsion_angle_constraint_violation_method     ? 
# 
_pdbx_nmr_sample_details.solution_id      1 
_pdbx_nmr_sample_details.contents         '10% D2O/90% H2O' 
_pdbx_nmr_sample_details.solvent_system   ? 
# 
_pdbx_nmr_exptl_sample_conditions.conditions_id       1 
_pdbx_nmr_exptl_sample_conditions.temperature         313 
_pdbx_nmr_exptl_sample_conditions.pressure            ? 
_pdbx_nmr_exptl_sample_conditions.pH                  5.2 
_pdbx_nmr_exptl_sample_conditions.ionic_strength      ? 
_pdbx_nmr_exptl_sample_conditions.pressure_units      ? 
_pdbx_nmr_exptl_sample_conditions.temperature_units   K 
# 
loop_
_pdbx_nmr_exptl.experiment_id 
_pdbx_nmr_exptl.conditions_id 
_pdbx_nmr_exptl.type 
_pdbx_nmr_exptl.solution_id 
1 1 NOESY   1 
2 1 TOCSY   1 
3 1 DQFCOSY 1 
4 1 ECOSY   1 
# 
_pdbx_nmr_refine.entry_id           1QH2 
_pdbx_nmr_refine.method             'simulated annealing' 
_pdbx_nmr_refine.details            ? 
_pdbx_nmr_refine.software_ordinal   1 
# 
loop_
_pdbx_nmr_software.classification 
_pdbx_nmr_software.name 
_pdbx_nmr_software.version 
_pdbx_nmr_software.authors 
_pdbx_nmr_software.ordinal 
refinement           X-PLOR 3.851 BRUNGER 1 
'structure solution' DYANA  ?     ?       2 
'structure solution' X-PLOR ?     ?       3 
# 
loop_
_chem_comp_atom.comp_id 
_chem_comp_atom.atom_id 
_chem_comp_atom.type_symbol 
_chem_comp_atom.pdbx_aromatic_flag 
_chem_comp_atom.pdbx_stereo_config 
_chem_comp_atom.pdbx_ordinal 
ALA N    N N N 1   
ALA CA   C N S 2   
ALA C    C N N 3   
ALA O    O N N 4   
ALA CB   C N N 5   
ALA OXT  O N N 6   
ALA H    H N N 7   
ALA H2   H N N 8   
ALA HA   H N N 9   
ALA HB1  H N N 10  
ALA HB2  H N N 11  
ALA HB3  H N N 12  
ALA HXT  H N N 13  
ARG N    N N N 14  
ARG CA   C N S 15  
ARG C    C N N 16  
ARG O    O N N 17  
ARG CB   C N N 18  
ARG CG   C N N 19  
ARG CD   C N N 20  
ARG NE   N N N 21  
ARG CZ   C N N 22  
ARG NH1  N N N 23  
ARG NH2  N N N 24  
ARG OXT  O N N 25  
ARG H    H N N 26  
ARG H2   H N N 27  
ARG HA   H N N 28  
ARG HB2  H N N 29  
ARG HB3  H N N 30  
ARG HG2  H N N 31  
ARG HG3  H N N 32  
ARG HD2  H N N 33  
ARG HD3  H N N 34  
ARG HE   H N N 35  
ARG HH11 H N N 36  
ARG HH12 H N N 37  
ARG HH21 H N N 38  
ARG HH22 H N N 39  
ARG HXT  H N N 40  
ASN N    N N N 41  
ASN CA   C N S 42  
ASN C    C N N 43  
ASN O    O N N 44  
ASN CB   C N N 45  
ASN CG   C N N 46  
ASN OD1  O N N 47  
ASN ND2  N N N 48  
ASN OXT  O N N 49  
ASN H    H N N 50  
ASN H2   H N N 51  
ASN HA   H N N 52  
ASN HB2  H N N 53  
ASN HB3  H N N 54  
ASN HD21 H N N 55  
ASN HD22 H N N 56  
ASN HXT  H N N 57  
ASP N    N N N 58  
ASP CA   C N S 59  
ASP C    C N N 60  
ASP O    O N N 61  
ASP CB   C N N 62  
ASP CG   C N N 63  
ASP OD1  O N N 64  
ASP OD2  O N N 65  
ASP OXT  O N N 66  
ASP H    H N N 67  
ASP H2   H N N 68  
ASP HA   H N N 69  
ASP HB2  H N N 70  
ASP HB3  H N N 71  
ASP HD2  H N N 72  
ASP HXT  H N N 73  
CYS N    N N N 74  
CYS CA   C N R 75  
CYS C    C N N 76  
CYS O    O N N 77  
CYS CB   C N N 78  
CYS SG   S N N 79  
CYS OXT  O N N 80  
CYS H    H N N 81  
CYS H2   H N N 82  
CYS HA   H N N 83  
CYS HB2  H N N 84  
CYS HB3  H N N 85  
CYS HG   H N N 86  
CYS HXT  H N N 87  
GLU N    N N N 88  
GLU CA   C N S 89  
GLU C    C N N 90  
GLU O    O N N 91  
GLU CB   C N N 92  
GLU CG   C N N 93  
GLU CD   C N N 94  
GLU OE1  O N N 95  
GLU OE2  O N N 96  
GLU OXT  O N N 97  
GLU H    H N N 98  
GLU H2   H N N 99  
GLU HA   H N N 100 
GLU HB2  H N N 101 
GLU HB3  H N N 102 
GLU HG2  H N N 103 
GLU HG3  H N N 104 
GLU HE2  H N N 105 
GLU HXT  H N N 106 
GLY N    N N N 107 
GLY CA   C N N 108 
GLY C    C N N 109 
GLY O    O N N 110 
GLY OXT  O N N 111 
GLY H    H N N 112 
GLY H2   H N N 113 
GLY HA2  H N N 114 
GLY HA3  H N N 115 
GLY HXT  H N N 116 
ILE N    N N N 117 
ILE CA   C N S 118 
ILE C    C N N 119 
ILE O    O N N 120 
ILE CB   C N S 121 
ILE CG1  C N N 122 
ILE CG2  C N N 123 
ILE CD1  C N N 124 
ILE OXT  O N N 125 
ILE H    H N N 126 
ILE H2   H N N 127 
ILE HA   H N N 128 
ILE HB   H N N 129 
ILE HG12 H N N 130 
ILE HG13 H N N 131 
ILE HG21 H N N 132 
ILE HG22 H N N 133 
ILE HG23 H N N 134 
ILE HD11 H N N 135 
ILE HD12 H N N 136 
ILE HD13 H N N 137 
ILE HXT  H N N 138 
LEU N    N N N 139 
LEU CA   C N S 140 
LEU C    C N N 141 
LEU O    O N N 142 
LEU CB   C N N 143 
LEU CG   C N N 144 
LEU CD1  C N N 145 
LEU CD2  C N N 146 
LEU OXT  O N N 147 
LEU H    H N N 148 
LEU H2   H N N 149 
LEU HA   H N N 150 
LEU HB2  H N N 151 
LEU HB3  H N N 152 
LEU HG   H N N 153 
LEU HD11 H N N 154 
LEU HD12 H N N 155 
LEU HD13 H N N 156 
LEU HD21 H N N 157 
LEU HD22 H N N 158 
LEU HD23 H N N 159 
LEU HXT  H N N 160 
LYS N    N N N 161 
LYS CA   C N S 162 
LYS C    C N N 163 
LYS O    O N N 164 
LYS CB   C N N 165 
LYS CG   C N N 166 
LYS CD   C N N 167 
LYS CE   C N N 168 
LYS NZ   N N N 169 
LYS OXT  O N N 170 
LYS H    H N N 171 
LYS H2   H N N 172 
LYS HA   H N N 173 
LYS HB2  H N N 174 
LYS HB3  H N N 175 
LYS HG2  H N N 176 
LYS HG3  H N N 177 
LYS HD2  H N N 178 
LYS HD3  H N N 179 
LYS HE2  H N N 180 
LYS HE3  H N N 181 
LYS HZ1  H N N 182 
LYS HZ2  H N N 183 
LYS HZ3  H N N 184 
LYS HXT  H N N 185 
PHE N    N N N 186 
PHE CA   C N S 187 
PHE C    C N N 188 
PHE O    O N N 189 
PHE CB   C N N 190 
PHE CG   C Y N 191 
PHE CD1  C Y N 192 
PHE CD2  C Y N 193 
PHE CE1  C Y N 194 
PHE CE2  C Y N 195 
PHE CZ   C Y N 196 
PHE OXT  O N N 197 
PHE H    H N N 198 
PHE H2   H N N 199 
PHE HA   H N N 200 
PHE HB2  H N N 201 
PHE HB3  H N N 202 
PHE HD1  H N N 203 
PHE HD2  H N N 204 
PHE HE1  H N N 205 
PHE HE2  H N N 206 
PHE HZ   H N N 207 
PHE HXT  H N N 208 
PRO N    N N N 209 
PRO CA   C N S 210 
PRO C    C N N 211 
PRO O    O N N 212 
PRO CB   C N N 213 
PRO CG   C N N 214 
PRO CD   C N N 215 
PRO OXT  O N N 216 
PRO H    H N N 217 
PRO HA   H N N 218 
PRO HB2  H N N 219 
PRO HB3  H N N 220 
PRO HG2  H N N 221 
PRO HG3  H N N 222 
PRO HD2  H N N 223 
PRO HD3  H N N 224 
PRO HXT  H N N 225 
SER N    N N N 226 
SER CA   C N S 227 
SER C    C N N 228 
SER O    O N N 229 
SER CB   C N N 230 
SER OG   O N N 231 
SER OXT  O N N 232 
SER H    H N N 233 
SER H2   H N N 234 
SER HA   H N N 235 
SER HB2  H N N 236 
SER HB3  H N N 237 
SER HG   H N N 238 
SER HXT  H N N 239 
THR N    N N N 240 
THR CA   C N S 241 
THR C    C N N 242 
THR O    O N N 243 
THR CB   C N R 244 
THR OG1  O N N 245 
THR CG2  C N N 246 
THR OXT  O N N 247 
THR H    H N N 248 
THR H2   H N N 249 
THR HA   H N N 250 
THR HB   H N N 251 
THR HG1  H N N 252 
THR HG21 H N N 253 
THR HG22 H N N 254 
THR HG23 H N N 255 
THR HXT  H N N 256 
TYR N    N N N 257 
TYR CA   C N S 258 
TYR C    C N N 259 
TYR O    O N N 260 
TYR CB   C N N 261 
TYR CG   C Y N 262 
TYR CD1  C Y N 263 
TYR CD2  C Y N 264 
TYR CE1  C Y N 265 
TYR CE2  C Y N 266 
TYR CZ   C Y N 267 
TYR OH   O N N 268 
TYR OXT  O N N 269 
TYR H    H N N 270 
TYR H2   H N N 271 
TYR HA   H N N 272 
TYR HB2  H N N 273 
TYR HB3  H N N 274 
TYR HD1  H N N 275 
TYR HD2  H N N 276 
TYR HE1  H N N 277 
TYR HE2  H N N 278 
TYR HH   H N N 279 
TYR HXT  H N N 280 
VAL N    N N N 281 
VAL CA   C N S 282 
VAL C    C N N 283 
VAL O    O N N 284 
VAL CB   C N N 285 
VAL CG1  C N N 286 
VAL CG2  C N N 287 
VAL OXT  O N N 288 
VAL H    H N N 289 
VAL H2   H N N 290 
VAL HA   H N N 291 
VAL HB   H N N 292 
VAL HG11 H N N 293 
VAL HG12 H N N 294 
VAL HG13 H N N 295 
VAL HG21 H N N 296 
VAL HG22 H N N 297 
VAL HG23 H N N 298 
VAL HXT  H N N 299 
# 
loop_
_chem_comp_bond.comp_id 
_chem_comp_bond.atom_id_1 
_chem_comp_bond.atom_id_2 
_chem_comp_bond.value_order 
_chem_comp_bond.pdbx_aromatic_flag 
_chem_comp_bond.pdbx_stereo_config 
_chem_comp_bond.pdbx_ordinal 
ALA N   CA   sing N N 1   
ALA N   H    sing N N 2   
ALA N   H2   sing N N 3   
ALA CA  C    sing N N 4   
ALA CA  CB   sing N N 5   
ALA CA  HA   sing N N 6   
ALA C   O    doub N N 7   
ALA C   OXT  sing N N 8   
ALA CB  HB1  sing N N 9   
ALA CB  HB2  sing N N 10  
ALA CB  HB3  sing N N 11  
ALA OXT HXT  sing N N 12  
ARG N   CA   sing N N 13  
ARG N   H    sing N N 14  
ARG N   H2   sing N N 15  
ARG CA  C    sing N N 16  
ARG CA  CB   sing N N 17  
ARG CA  HA   sing N N 18  
ARG C   O    doub N N 19  
ARG C   OXT  sing N N 20  
ARG CB  CG   sing N N 21  
ARG CB  HB2  sing N N 22  
ARG CB  HB3  sing N N 23  
ARG CG  CD   sing N N 24  
ARG CG  HG2  sing N N 25  
ARG CG  HG3  sing N N 26  
ARG CD  NE   sing N N 27  
ARG CD  HD2  sing N N 28  
ARG CD  HD3  sing N N 29  
ARG NE  CZ   sing N N 30  
ARG NE  HE   sing N N 31  
ARG CZ  NH1  sing N N 32  
ARG CZ  NH2  doub N N 33  
ARG NH1 HH11 sing N N 34  
ARG NH1 HH12 sing N N 35  
ARG NH2 HH21 sing N N 36  
ARG NH2 HH22 sing N N 37  
ARG OXT HXT  sing N N 38  
ASN N   CA   sing N N 39  
ASN N   H    sing N N 40  
ASN N   H2   sing N N 41  
ASN CA  C    sing N N 42  
ASN CA  CB   sing N N 43  
ASN CA  HA   sing N N 44  
ASN C   O    doub N N 45  
ASN C   OXT  sing N N 46  
ASN CB  CG   sing N N 47  
ASN CB  HB2  sing N N 48  
ASN CB  HB3  sing N N 49  
ASN CG  OD1  doub N N 50  
ASN CG  ND2  sing N N 51  
ASN ND2 HD21 sing N N 52  
ASN ND2 HD22 sing N N 53  
ASN OXT HXT  sing N N 54  
ASP N   CA   sing N N 55  
ASP N   H    sing N N 56  
ASP N   H2   sing N N 57  
ASP CA  C    sing N N 58  
ASP CA  CB   sing N N 59  
ASP CA  HA   sing N N 60  
ASP C   O    doub N N 61  
ASP C   OXT  sing N N 62  
ASP CB  CG   sing N N 63  
ASP CB  HB2  sing N N 64  
ASP CB  HB3  sing N N 65  
ASP CG  OD1  doub N N 66  
ASP CG  OD2  sing N N 67  
ASP OD2 HD2  sing N N 68  
ASP OXT HXT  sing N N 69  
CYS N   CA   sing N N 70  
CYS N   H    sing N N 71  
CYS N   H2   sing N N 72  
CYS CA  C    sing N N 73  
CYS CA  CB   sing N N 74  
CYS CA  HA   sing N N 75  
CYS C   O    doub N N 76  
CYS C   OXT  sing N N 77  
CYS CB  SG   sing N N 78  
CYS CB  HB2  sing N N 79  
CYS CB  HB3  sing N N 80  
CYS SG  HG   sing N N 81  
CYS OXT HXT  sing N N 82  
GLU N   CA   sing N N 83  
GLU N   H    sing N N 84  
GLU N   H2   sing N N 85  
GLU CA  C    sing N N 86  
GLU CA  CB   sing N N 87  
GLU CA  HA   sing N N 88  
GLU C   O    doub N N 89  
GLU C   OXT  sing N N 90  
GLU CB  CG   sing N N 91  
GLU CB  HB2  sing N N 92  
GLU CB  HB3  sing N N 93  
GLU CG  CD   sing N N 94  
GLU CG  HG2  sing N N 95  
GLU CG  HG3  sing N N 96  
GLU CD  OE1  doub N N 97  
GLU CD  OE2  sing N N 98  
GLU OE2 HE2  sing N N 99  
GLU OXT HXT  sing N N 100 
GLY N   CA   sing N N 101 
GLY N   H    sing N N 102 
GLY N   H2   sing N N 103 
GLY CA  C    sing N N 104 
GLY CA  HA2  sing N N 105 
GLY CA  HA3  sing N N 106 
GLY C   O    doub N N 107 
GLY C   OXT  sing N N 108 
GLY OXT HXT  sing N N 109 
ILE N   CA   sing N N 110 
ILE N   H    sing N N 111 
ILE N   H2   sing N N 112 
ILE CA  C    sing N N 113 
ILE CA  CB   sing N N 114 
ILE CA  HA   sing N N 115 
ILE C   O    doub N N 116 
ILE C   OXT  sing N N 117 
ILE CB  CG1  sing N N 118 
ILE CB  CG2  sing N N 119 
ILE CB  HB   sing N N 120 
ILE CG1 CD1  sing N N 121 
ILE CG1 HG12 sing N N 122 
ILE CG1 HG13 sing N N 123 
ILE CG2 HG21 sing N N 124 
ILE CG2 HG22 sing N N 125 
ILE CG2 HG23 sing N N 126 
ILE CD1 HD11 sing N N 127 
ILE CD1 HD12 sing N N 128 
ILE CD1 HD13 sing N N 129 
ILE OXT HXT  sing N N 130 
LEU N   CA   sing N N 131 
LEU N   H    sing N N 132 
LEU N   H2   sing N N 133 
LEU CA  C    sing N N 134 
LEU CA  CB   sing N N 135 
LEU CA  HA   sing N N 136 
LEU C   O    doub N N 137 
LEU C   OXT  sing N N 138 
LEU CB  CG   sing N N 139 
LEU CB  HB2  sing N N 140 
LEU CB  HB3  sing N N 141 
LEU CG  CD1  sing N N 142 
LEU CG  CD2  sing N N 143 
LEU CG  HG   sing N N 144 
LEU CD1 HD11 sing N N 145 
LEU CD1 HD12 sing N N 146 
LEU CD1 HD13 sing N N 147 
LEU CD2 HD21 sing N N 148 
LEU CD2 HD22 sing N N 149 
LEU CD2 HD23 sing N N 150 
LEU OXT HXT  sing N N 151 
LYS N   CA   sing N N 152 
LYS N   H    sing N N 153 
LYS N   H2   sing N N 154 
LYS CA  C    sing N N 155 
LYS CA  CB   sing N N 156 
LYS CA  HA   sing N N 157 
LYS C   O    doub N N 158 
LYS C   OXT  sing N N 159 
LYS CB  CG   sing N N 160 
LYS CB  HB2  sing N N 161 
LYS CB  HB3  sing N N 162 
LYS CG  CD   sing N N 163 
LYS CG  HG2  sing N N 164 
LYS CG  HG3  sing N N 165 
LYS CD  CE   sing N N 166 
LYS CD  HD2  sing N N 167 
LYS CD  HD3  sing N N 168 
LYS CE  NZ   sing N N 169 
LYS CE  HE2  sing N N 170 
LYS CE  HE3  sing N N 171 
LYS NZ  HZ1  sing N N 172 
LYS NZ  HZ2  sing N N 173 
LYS NZ  HZ3  sing N N 174 
LYS OXT HXT  sing N N 175 
PHE N   CA   sing N N 176 
PHE N   H    sing N N 177 
PHE N   H2   sing N N 178 
PHE CA  C    sing N N 179 
PHE CA  CB   sing N N 180 
PHE CA  HA   sing N N 181 
PHE C   O    doub N N 182 
PHE C   OXT  sing N N 183 
PHE CB  CG   sing N N 184 
PHE CB  HB2  sing N N 185 
PHE CB  HB3  sing N N 186 
PHE CG  CD1  doub Y N 187 
PHE CG  CD2  sing Y N 188 
PHE CD1 CE1  sing Y N 189 
PHE CD1 HD1  sing N N 190 
PHE CD2 CE2  doub Y N 191 
PHE CD2 HD2  sing N N 192 
PHE CE1 CZ   doub Y N 193 
PHE CE1 HE1  sing N N 194 
PHE CE2 CZ   sing Y N 195 
PHE CE2 HE2  sing N N 196 
PHE CZ  HZ   sing N N 197 
PHE OXT HXT  sing N N 198 
PRO N   CA   sing N N 199 
PRO N   CD   sing N N 200 
PRO N   H    sing N N 201 
PRO CA  C    sing N N 202 
PRO CA  CB   sing N N 203 
PRO CA  HA   sing N N 204 
PRO C   O    doub N N 205 
PRO C   OXT  sing N N 206 
PRO CB  CG   sing N N 207 
PRO CB  HB2  sing N N 208 
PRO CB  HB3  sing N N 209 
PRO CG  CD   sing N N 210 
PRO CG  HG2  sing N N 211 
PRO CG  HG3  sing N N 212 
PRO CD  HD2  sing N N 213 
PRO CD  HD3  sing N N 214 
PRO OXT HXT  sing N N 215 
SER N   CA   sing N N 216 
SER N   H    sing N N 217 
SER N   H2   sing N N 218 
SER CA  C    sing N N 219 
SER CA  CB   sing N N 220 
SER CA  HA   sing N N 221 
SER C   O    doub N N 222 
SER C   OXT  sing N N 223 
SER CB  OG   sing N N 224 
SER CB  HB2  sing N N 225 
SER CB  HB3  sing N N 226 
SER OG  HG   sing N N 227 
SER OXT HXT  sing N N 228 
THR N   CA   sing N N 229 
THR N   H    sing N N 230 
THR N   H2   sing N N 231 
THR CA  C    sing N N 232 
THR CA  CB   sing N N 233 
THR CA  HA   sing N N 234 
THR C   O    doub N N 235 
THR C   OXT  sing N N 236 
THR CB  OG1  sing N N 237 
THR CB  CG2  sing N N 238 
THR CB  HB   sing N N 239 
THR OG1 HG1  sing N N 240 
THR CG2 HG21 sing N N 241 
THR CG2 HG22 sing N N 242 
THR CG2 HG23 sing N N 243 
THR OXT HXT  sing N N 244 
TYR N   CA   sing N N 245 
TYR N   H    sing N N 246 
TYR N   H2   sing N N 247 
TYR CA  C    sing N N 248 
TYR CA  CB   sing N N 249 
TYR CA  HA   sing N N 250 
TYR C   O    doub N N 251 
TYR C   OXT  sing N N 252 
TYR CB  CG   sing N N 253 
TYR CB  HB2  sing N N 254 
TYR CB  HB3  sing N N 255 
TYR CG  CD1  doub Y N 256 
TYR CG  CD2  sing Y N 257 
TYR CD1 CE1  sing Y N 258 
TYR CD1 HD1  sing N N 259 
TYR CD2 CE2  doub Y N 260 
TYR CD2 HD2  sing N N 261 
TYR CE1 CZ   doub Y N 262 
TYR CE1 HE1  sing N N 263 
TYR CE2 CZ   sing Y N 264 
TYR CE2 HE2  sing N N 265 
TYR CZ  OH   sing N N 266 
TYR OH  HH   sing N N 267 
TYR OXT HXT  sing N N 268 
VAL N   CA   sing N N 269 
VAL N   H    sing N N 270 
VAL N   H2   sing N N 271 
VAL CA  C    sing N N 272 
VAL CA  CB   sing N N 273 
VAL CA  HA   sing N N 274 
VAL C   O    doub N N 275 
VAL C   OXT  sing N N 276 
VAL CB  CG1  sing N N 277 
VAL CB  CG2  sing N N 278 
VAL CB  HB   sing N N 279 
VAL CG1 HG11 sing N N 280 
VAL CG1 HG12 sing N N 281 
VAL CG1 HG13 sing N N 282 
VAL CG2 HG21 sing N N 283 
VAL CG2 HG22 sing N N 284 
VAL CG2 HG23 sing N N 285 
VAL OXT HXT  sing N N 286 
# 
_pdbx_nmr_spectrometer.spectrometer_id   1 
_pdbx_nmr_spectrometer.model             DRX750 
_pdbx_nmr_spectrometer.manufacturer      Bruker 
_pdbx_nmr_spectrometer.field_strength    750 
_pdbx_nmr_spectrometer.type              ? 
# 
_atom_sites.entry_id                    1QH2 
_atom_sites.fract_transf_matrix[1][1]   1.000000 
_atom_sites.fract_transf_matrix[1][2]   0.000000 
_atom_sites.fract_transf_matrix[1][3]   0.000000 
_atom_sites.fract_transf_matrix[2][1]   0.000000 
_atom_sites.fract_transf_matrix[2][2]   1.000000 
_atom_sites.fract_transf_matrix[2][3]   0.000000 
_atom_sites.fract_transf_matrix[3][1]   0.000000 
_atom_sites.fract_transf_matrix[3][2]   0.000000 
_atom_sites.fract_transf_matrix[3][3]   1.000000 
_atom_sites.fract_transf_vector[1]      0.00000 
_atom_sites.fract_transf_vector[2]      0.00000 
_atom_sites.fract_transf_vector[3]      0.00000 
# 
loop_
_atom_type.symbol 
C 
H 
N 
O 
S 
# 
loop_
_atom_site.group_PDB 
_atom_site.id 
_atom_site.type_symbol 
_atom_site.label_atom_id 
_atom_site.label_alt_id 
_atom_site.label_comp_id 
_atom_site.label_asym_id 
_atom_site.label_entity_id 
_atom_site.label_seq_id 
_atom_site.pdbx_PDB_ins_code 
_atom_site.Cartn_x 
_atom_site.Cartn_y 
_atom_site.Cartn_z 
_atom_site.occupancy 
_atom_site.B_iso_or_equiv 
_atom_site.pdbx_formal_charge 
_atom_site.auth_seq_id 
_atom_site.auth_comp_id 
_atom_site.auth_asym_id 
_atom_site.auth_atom_id 
_atom_site.pdbx_PDB_model_num 
ATOM 1   N N    . LYS A 1 1  ? 13.922  -3.757  -5.472  1.00 0.00 ? 1  LYS A N    1 
ATOM 2   C CA   . LYS A 1 1  ? 12.930  -4.475  -4.623  1.00 0.00 ? 1  LYS A CA   1 
ATOM 3   C C    . LYS A 1 1  ? 12.763  -3.748  -3.279  1.00 0.00 ? 1  LYS A C    1 
ATOM 4   O O    . LYS A 1 1  ? 13.695  -3.144  -2.782  1.00 0.00 ? 1  LYS A O    1 
ATOM 5   C CB   . LYS A 1 1  ? 13.402  -5.934  -4.367  1.00 0.00 ? 1  LYS A CB   1 
ATOM 6   C CG   . LYS A 1 1  ? 14.873  -5.985  -3.863  1.00 0.00 ? 1  LYS A CG   1 
ATOM 7   C CD   . LYS A 1 1  ? 15.828  -6.299  -5.038  1.00 0.00 ? 1  LYS A CD   1 
ATOM 8   C CE   . LYS A 1 1  ? 17.282  -6.249  -4.538  1.00 0.00 ? 1  LYS A CE   1 
ATOM 9   N NZ   . LYS A 1 1  ? 18.213  -6.565  -5.657  1.00 0.00 ? 1  LYS A NZ   1 
ATOM 10  H H1   . LYS A 1 1  ? 14.807  -3.632  -4.940  1.00 0.00 ? 1  LYS A H1   1 
ATOM 11  H H2   . LYS A 1 1  ? 14.109  -4.313  -6.331  1.00 0.00 ? 1  LYS A H2   1 
ATOM 12  H H3   . LYS A 1 1  ? 13.542  -2.825  -5.738  1.00 0.00 ? 1  LYS A H3   1 
ATOM 13  H HA   . LYS A 1 1  ? 11.981  -4.479  -5.138  1.00 0.00 ? 1  LYS A HA   1 
ATOM 14  H HB2  . LYS A 1 1  ? 12.759  -6.390  -3.627  1.00 0.00 ? 1  LYS A HB2  1 
ATOM 15  H HB3  . LYS A 1 1  ? 13.302  -6.499  -5.282  1.00 0.00 ? 1  LYS A HB3  1 
ATOM 16  H HG2  . LYS A 1 1  ? 15.158  -5.048  -3.408  1.00 0.00 ? 1  LYS A HG2  1 
ATOM 17  H HG3  . LYS A 1 1  ? 14.962  -6.761  -3.117  1.00 0.00 ? 1  LYS A HG3  1 
ATOM 18  H HD2  . LYS A 1 1  ? 15.616  -7.283  -5.429  1.00 0.00 ? 1  LYS A HD2  1 
ATOM 19  H HD3  . LYS A 1 1  ? 15.698  -5.577  -5.830  1.00 0.00 ? 1  LYS A HD3  1 
ATOM 20  H HE2  . LYS A 1 1  ? 17.519  -5.264  -4.163  1.00 0.00 ? 1  LYS A HE2  1 
ATOM 21  H HE3  . LYS A 1 1  ? 17.435  -6.972  -3.750  1.00 0.00 ? 1  LYS A HE3  1 
ATOM 22  H HZ1  . LYS A 1 1  ? 18.037  -7.535  -5.989  1.00 0.00 ? 1  LYS A HZ1  1 
ATOM 23  H HZ2  . LYS A 1 1  ? 18.056  -5.897  -6.438  1.00 0.00 ? 1  LYS A HZ2  1 
ATOM 24  H HZ3  . LYS A 1 1  ? 19.195  -6.487  -5.323  1.00 0.00 ? 1  LYS A HZ3  1 
ATOM 25  N N    . ALA A 1 2  ? 11.570  -3.833  -2.739  1.00 0.00 ? 2  ALA A N    1 
ATOM 26  C CA   . ALA A 1 2  ? 11.237  -3.181  -1.427  1.00 0.00 ? 2  ALA A CA   1 
ATOM 27  C C    . ALA A 1 2  ? 11.516  -1.663  -1.445  1.00 0.00 ? 2  ALA A C    1 
ATOM 28  O O    . ALA A 1 2  ? 11.713  -1.084  -2.496  1.00 0.00 ? 2  ALA A O    1 
ATOM 29  C CB   . ALA A 1 2  ? 12.068  -3.869  -0.315  1.00 0.00 ? 2  ALA A CB   1 
ATOM 30  H H    . ALA A 1 2  ? 10.873  -4.339  -3.207  1.00 0.00 ? 2  ALA A H    1 
ATOM 31  H HA   . ALA A 1 2  ? 10.185  -3.330  -1.235  1.00 0.00 ? 2  ALA A HA   1 
ATOM 32  H HB1  . ALA A 1 2  ? 11.613  -3.690  0.649   1.00 0.00 ? 2  ALA A HB1  1 
ATOM 33  H HB2  . ALA A 1 2  ? 12.104  -4.935  -0.486  1.00 0.00 ? 2  ALA A HB2  1 
ATOM 34  H HB3  . ALA A 1 2  ? 13.078  -3.486  -0.299  1.00 0.00 ? 2  ALA A HB3  1 
ATOM 35  N N    . CYS A 1 3  ? 11.519  -1.064  -0.278  1.00 0.00 ? 3  CYS A N    1 
ATOM 36  C CA   . CYS A 1 3  ? 11.778  0.406   -0.162  1.00 0.00 ? 3  CYS A CA   1 
ATOM 37  C C    . CYS A 1 3  ? 12.349  0.751   1.216   1.00 0.00 ? 3  CYS A C    1 
ATOM 38  O O    . CYS A 1 3  ? 11.997  0.136   2.205   1.00 0.00 ? 3  CYS A O    1 
ATOM 39  C CB   . CYS A 1 3  ? 10.465  1.183   -0.367  1.00 0.00 ? 3  CYS A CB   1 
ATOM 40  S SG   . CYS A 1 3  ? 9.837   1.322   -2.057  1.00 0.00 ? 3  CYS A SG   1 
ATOM 41  H H    . CYS A 1 3  ? 11.350  -1.588  0.533   1.00 0.00 ? 3  CYS A H    1 
ATOM 42  H HA   . CYS A 1 3  ? 12.497  0.697   -0.914  1.00 0.00 ? 3  CYS A HA   1 
ATOM 43  H HB2  . CYS A 1 3  ? 9.686   0.722   0.233   1.00 0.00 ? 3  CYS A HB2  1 
ATOM 44  H HB3  . CYS A 1 3  ? 10.606  2.189   0.001   1.00 0.00 ? 3  CYS A HB3  1 
ATOM 45  N N    . THR A 1 4  ? 13.216  1.735   1.228   1.00 0.00 ? 4  THR A N    1 
ATOM 46  C CA   . THR A 1 4  ? 13.857  2.192   2.503   1.00 0.00 ? 4  THR A CA   1 
ATOM 47  C C    . THR A 1 4  ? 12.754  2.689   3.454   1.00 0.00 ? 4  THR A C    1 
ATOM 48  O O    . THR A 1 4  ? 12.827  2.517   4.655   1.00 0.00 ? 4  THR A O    1 
ATOM 49  C CB   . THR A 1 4  ? 14.862  3.328   2.163   1.00 0.00 ? 4  THR A CB   1 
ATOM 50  O OG1  . THR A 1 4  ? 15.342  3.795   3.417   1.00 0.00 ? 4  THR A OG1  1 
ATOM 51  C CG2  . THR A 1 4  ? 14.178  4.558   1.517   1.00 0.00 ? 4  THR A CG2  1 
ATOM 52  H H    . THR A 1 4  ? 13.449  2.180   0.387   1.00 0.00 ? 4  THR A H    1 
ATOM 53  H HA   . THR A 1 4  ? 14.371  1.357   2.957   1.00 0.00 ? 4  THR A HA   1 
ATOM 54  H HB   . THR A 1 4  ? 15.690  2.968   1.569   1.00 0.00 ? 4  THR A HB   1 
ATOM 55  H HG1  . THR A 1 4  ? 14.611  4.200   3.889   1.00 0.00 ? 4  THR A HG1  1 
ATOM 56  H HG21 . THR A 1 4  ? 14.928  5.240   1.144   1.00 0.00 ? 4  THR A HG21 1 
ATOM 57  H HG22 . THR A 1 4  ? 13.552  4.252   0.691   1.00 0.00 ? 4  THR A HG22 1 
ATOM 58  H HG23 . THR A 1 4  ? 13.566  5.082   2.237   1.00 0.00 ? 4  THR A HG23 1 
ATOM 59  N N    . LEU A 1 5  ? 11.769  3.294   2.841   1.00 0.00 ? 5  LEU A N    1 
ATOM 60  C CA   . LEU A 1 5  ? 10.591  3.854   3.560   1.00 0.00 ? 5  LEU A CA   1 
ATOM 61  C C    . LEU A 1 5  ? 9.375   3.406   2.730   1.00 0.00 ? 5  LEU A C    1 
ATOM 62  O O    . LEU A 1 5  ? 9.243   2.223   2.477   1.00 0.00 ? 5  LEU A O    1 
ATOM 63  C CB   . LEU A 1 5  ? 10.739  5.400   3.607   1.00 0.00 ? 5  LEU A CB   1 
ATOM 64  C CG   . LEU A 1 5  ? 11.885  5.809   4.574   1.00 0.00 ? 5  LEU A CG   1 
ATOM 65  C CD1  . LEU A 1 5  ? 12.372  7.226   4.207   1.00 0.00 ? 5  LEU A CD1  1 
ATOM 66  C CD2  . LEU A 1 5  ? 11.371  5.811   6.030   1.00 0.00 ? 5  LEU A CD2  1 
ATOM 67  H H    . LEU A 1 5  ? 11.808  3.384   1.866   1.00 0.00 ? 5  LEU A H    1 
ATOM 68  H HA   . LEU A 1 5  ? 10.518  3.425   4.549   1.00 0.00 ? 5  LEU A HA   1 
ATOM 69  H HB2  . LEU A 1 5  ? 10.947  5.763   2.611   1.00 0.00 ? 5  LEU A HB2  1 
ATOM 70  H HB3  . LEU A 1 5  ? 9.815   5.846   3.945   1.00 0.00 ? 5  LEU A HB3  1 
ATOM 71  H HG   . LEU A 1 5  ? 12.717  5.125   4.490   1.00 0.00 ? 5  LEU A HG   1 
ATOM 72  H HD11 . LEU A 1 5  ? 11.554  7.930   4.250   1.00 0.00 ? 5  LEU A HD11 1 
ATOM 73  H HD12 . LEU A 1 5  ? 13.145  7.543   4.893   1.00 0.00 ? 5  LEU A HD12 1 
ATOM 74  H HD13 . LEU A 1 5  ? 12.780  7.229   3.208   1.00 0.00 ? 5  LEU A HD13 1 
ATOM 75  H HD21 . LEU A 1 5  ? 10.564  6.520   6.146   1.00 0.00 ? 5  LEU A HD21 1 
ATOM 76  H HD22 . LEU A 1 5  ? 11.012  4.830   6.303   1.00 0.00 ? 5  LEU A HD22 1 
ATOM 77  H HD23 . LEU A 1 5  ? 12.170  6.083   6.704   1.00 0.00 ? 5  LEU A HD23 1 
ATOM 78  N N    . ASN A 1 6  ? 8.535   4.334   2.333   1.00 0.00 ? 6  ASN A N    1 
ATOM 79  C CA   . ASN A 1 6  ? 7.314   4.027   1.519   1.00 0.00 ? 6  ASN A CA   1 
ATOM 80  C C    . ASN A 1 6  ? 6.455   2.918   2.160   1.00 0.00 ? 6  ASN A C    1 
ATOM 81  O O    . ASN A 1 6  ? 6.688   1.753   1.897   1.00 0.00 ? 6  ASN A O    1 
ATOM 82  C CB   . ASN A 1 6  ? 7.763   3.602   0.100   1.00 0.00 ? 6  ASN A CB   1 
ATOM 83  C CG   . ASN A 1 6  ? 8.574   4.730   -0.545  1.00 0.00 ? 6  ASN A CG   1 
ATOM 84  O OD1  . ASN A 1 6  ? 8.063   5.519   -1.316  1.00 0.00 ? 6  ASN A OD1  1 
ATOM 85  N ND2  . ASN A 1 6  ? 9.842   4.836   -0.255  1.00 0.00 ? 6  ASN A ND2  1 
ATOM 86  H H    . ASN A 1 6  ? 8.711   5.266   2.574   1.00 0.00 ? 6  ASN A H    1 
ATOM 87  H HA   . ASN A 1 6  ? 6.743   4.932   1.461   1.00 0.00 ? 6  ASN A HA   1 
ATOM 88  H HB2  . ASN A 1 6  ? 8.377   2.717   0.146   1.00 0.00 ? 6  ASN A HB2  1 
ATOM 89  H HB3  . ASN A 1 6  ? 6.906   3.392   -0.518  1.00 0.00 ? 6  ASN A HB3  1 
ATOM 90  H HD21 . ASN A 1 6  ? 10.256  4.201   0.367   1.00 0.00 ? 6  ASN A HD21 1 
ATOM 91  H HD22 . ASN A 1 6  ? 10.379  5.550   -0.658  1.00 0.00 ? 6  ASN A HD22 1 
ATOM 92  N N    . CYS A 1 7  ? 5.487   3.283   2.975   1.00 0.00 ? 7  CYS A N    1 
ATOM 93  C CA   . CYS A 1 7  ? 4.646   2.220   3.617   1.00 0.00 ? 7  CYS A CA   1 
ATOM 94  C C    . CYS A 1 7  ? 3.262   2.633   4.183   1.00 0.00 ? 7  CYS A C    1 
ATOM 95  O O    . CYS A 1 7  ? 2.984   2.345   5.325   1.00 0.00 ? 7  CYS A O    1 
ATOM 96  C CB   . CYS A 1 7  ? 5.510   1.572   4.761   1.00 0.00 ? 7  CYS A CB   1 
ATOM 97  S SG   . CYS A 1 7  ? 7.253   2.020   4.935   1.00 0.00 ? 7  CYS A SG   1 
ATOM 98  H H    . CYS A 1 7  ? 5.318   4.230   3.159   1.00 0.00 ? 7  CYS A H    1 
ATOM 99  H HA   . CYS A 1 7  ? 4.449   1.466   2.872   1.00 0.00 ? 7  CYS A HA   1 
ATOM 100 H HB2  . CYS A 1 7  ? 5.087   1.814   5.726   1.00 0.00 ? 7  CYS A HB2  1 
ATOM 101 H HB3  . CYS A 1 7  ? 5.465   0.498   4.653   1.00 0.00 ? 7  CYS A HB3  1 
ATOM 102 N N    . ASP A 1 8  ? 2.420   3.289   3.424   1.00 0.00 ? 8  ASP A N    1 
ATOM 103 C CA   . ASP A 1 8  ? 1.055   3.703   3.928   1.00 0.00 ? 8  ASP A CA   1 
ATOM 104 C C    . ASP A 1 8  ? 0.906   4.655   5.137   1.00 0.00 ? 8  ASP A C    1 
ATOM 105 O O    . ASP A 1 8  ? 1.513   4.448   6.169   1.00 0.00 ? 8  ASP A O    1 
ATOM 106 C CB   . ASP A 1 8  ? 0.174   2.459   4.290   1.00 0.00 ? 8  ASP A CB   1 
ATOM 107 C CG   . ASP A 1 8  ? 0.447   1.654   5.579   1.00 0.00 ? 8  ASP A CG   1 
ATOM 108 O OD1  . ASP A 1 8  ? 0.135   2.167   6.641   1.00 0.00 ? 8  ASP A OD1  1 
ATOM 109 O OD2  . ASP A 1 8  ? 0.948   0.552   5.425   1.00 0.00 ? 8  ASP A OD2  1 
ATOM 110 H H    . ASP A 1 8  ? 2.670   3.535   2.499   1.00 0.00 ? 8  ASP A H    1 
ATOM 111 H HA   . ASP A 1 8  ? 0.551   4.139   3.084   1.00 0.00 ? 8  ASP A HA   1 
ATOM 112 H HB2  . ASP A 1 8  ? -0.805  2.885   4.420   1.00 0.00 ? 8  ASP A HB2  1 
ATOM 113 H HB3  . ASP A 1 8  ? 0.156   1.770   3.466   1.00 0.00 ? 8  ASP A HB3  1 
ATOM 114 N N    . PRO A 1 9  ? 0.100   5.686   4.975   1.00 0.00 ? 9  PRO A N    1 
ATOM 115 C CA   . PRO A 1 9  ? -0.190  6.641   6.069   1.00 0.00 ? 9  PRO A CA   1 
ATOM 116 C C    . PRO A 1 9  ? -1.233  5.981   6.989   1.00 0.00 ? 9  PRO A C    1 
ATOM 117 O O    . PRO A 1 9  ? -1.244  6.215   8.182   1.00 0.00 ? 9  PRO A O    1 
ATOM 118 C CB   . PRO A 1 9  ? -0.724  7.899   5.391   1.00 0.00 ? 9  PRO A CB   1 
ATOM 119 C CG   . PRO A 1 9  ? -1.206  7.451   3.981   1.00 0.00 ? 9  PRO A CG   1 
ATOM 120 C CD   . PRO A 1 9  ? -0.617  6.049   3.716   1.00 0.00 ? 9  PRO A CD   1 
ATOM 121 H HA   . PRO A 1 9  ? 0.712   6.846   6.629   1.00 0.00 ? 9  PRO A HA   1 
ATOM 122 H HB2  . PRO A 1 9  ? -1.549  8.324   5.941   1.00 0.00 ? 9  PRO A HB2  1 
ATOM 123 H HB3  . PRO A 1 9  ? 0.057   8.639   5.301   1.00 0.00 ? 9  PRO A HB3  1 
ATOM 124 H HG2  . PRO A 1 9  ? -2.285  7.409   3.955   1.00 0.00 ? 9  PRO A HG2  1 
ATOM 125 H HG3  . PRO A 1 9  ? -0.867  8.150   3.229   1.00 0.00 ? 9  PRO A HG3  1 
ATOM 126 H HD2  . PRO A 1 9  ? -1.397  5.327   3.523   1.00 0.00 ? 9  PRO A HD2  1 
ATOM 127 H HD3  . PRO A 1 9  ? 0.073   6.085   2.886   1.00 0.00 ? 9  PRO A HD3  1 
ATOM 128 N N    . ARG A 1 10 ? -2.070  5.170   6.381   1.00 0.00 ? 10 ARG A N    1 
ATOM 129 C CA   . ARG A 1 10 ? -3.151  4.452   7.133   1.00 0.00 ? 10 ARG A CA   1 
ATOM 130 C C    . ARG A 1 10 ? -3.566  3.119   6.475   1.00 0.00 ? 10 ARG A C    1 
ATOM 131 O O    . ARG A 1 10 ? -4.297  2.361   7.083   1.00 0.00 ? 10 ARG A O    1 
ATOM 132 C CB   . ARG A 1 10 ? -4.387  5.390   7.233   1.00 0.00 ? 10 ARG A CB   1 
ATOM 133 C CG   . ARG A 1 10 ? -4.464  6.076   8.628   1.00 0.00 ? 10 ARG A CG   1 
ATOM 134 C CD   . ARG A 1 10 ? -4.588  7.603   8.463   1.00 0.00 ? 10 ARG A CD   1 
ATOM 135 N NE   . ARG A 1 10 ? -3.235  8.142   8.106   1.00 0.00 ? 10 ARG A NE   1 
ATOM 136 C CZ   . ARG A 1 10 ? -2.544  8.930   8.897   1.00 0.00 ? 10 ARG A CZ   1 
ATOM 137 N NH1  . ARG A 1 10 ? -3.002  9.303   10.062  1.00 0.00 ? 10 ARG A NH1  1 
ATOM 138 N NH2  . ARG A 1 10 ? -1.376  9.333   8.479   1.00 0.00 ? 10 ARG A NH2  1 
ATOM 139 H H    . ARG A 1 10 ? -1.979  5.032   5.413   1.00 0.00 ? 10 ARG A H    1 
ATOM 140 H HA   . ARG A 1 10 ? -2.780  4.216   8.119   1.00 0.00 ? 10 ARG A HA   1 
ATOM 141 H HB2  . ARG A 1 10 ? -4.328  6.133   6.451   1.00 0.00 ? 10 ARG A HB2  1 
ATOM 142 H HB3  . ARG A 1 10 ? -5.296  4.826   7.080   1.00 0.00 ? 10 ARG A HB3  1 
ATOM 143 H HG2  . ARG A 1 10 ? -5.333  5.710   9.156   1.00 0.00 ? 10 ARG A HG2  1 
ATOM 144 H HG3  . ARG A 1 10 ? -3.592  5.852   9.225   1.00 0.00 ? 10 ARG A HG3  1 
ATOM 145 H HD2  . ARG A 1 10 ? -5.276  7.845   7.665   1.00 0.00 ? 10 ARG A HD2  1 
ATOM 146 H HD3  . ARG A 1 10 ? -4.950  8.049   9.375   1.00 0.00 ? 10 ARG A HD3  1 
ATOM 147 H HE   . ARG A 1 10 ? -2.848  7.891   7.241   1.00 0.00 ? 10 ARG A HE   1 
ATOM 148 H HH11 . ARG A 1 10 ? -3.895  8.995   10.386  1.00 0.00 ? 10 ARG A HH11 1 
ATOM 149 H HH12 . ARG A 1 10 ? -2.448  9.906   10.637  1.00 0.00 ? 10 ARG A HH12 1 
ATOM 150 H HH21 . ARG A 1 10 ? -1.033  9.040   7.587   1.00 0.00 ? 10 ARG A HH21 1 
ATOM 151 H HH22 . ARG A 1 10 ? -0.823  9.936   9.053   1.00 0.00 ? 10 ARG A HH22 1 
ATOM 152 N N    . ILE A 1 11 ? -3.108  2.858   5.272   1.00 0.00 ? 11 ILE A N    1 
ATOM 153 C CA   . ILE A 1 11 ? -3.474  1.575   4.573   1.00 0.00 ? 11 ILE A CA   1 
ATOM 154 C C    . ILE A 1 11 ? -3.016  0.357   5.384   1.00 0.00 ? 11 ILE A C    1 
ATOM 155 O O    . ILE A 1 11 ? -2.285  0.494   6.348   1.00 0.00 ? 11 ILE A O    1 
ATOM 156 C CB   . ILE A 1 11 ? -2.829  1.614   3.156   1.00 0.00 ? 11 ILE A CB   1 
ATOM 157 C CG1  . ILE A 1 11 ? -3.601  2.650   2.300   1.00 0.00 ? 11 ILE A CG1  1 
ATOM 158 C CG2  . ILE A 1 11 ? -2.848  0.258   2.434   1.00 0.00 ? 11 ILE A CG2  1 
ATOM 159 C CD1  . ILE A 1 11 ? -2.610  3.576   1.601   1.00 0.00 ? 11 ILE A CD1  1 
ATOM 160 H H    . ILE A 1 11 ? -2.523  3.505   4.825   1.00 0.00 ? 11 ILE A H    1 
ATOM 161 H HA   . ILE A 1 11 ? -4.545  1.522   4.480   1.00 0.00 ? 11 ILE A HA   1 
ATOM 162 H HB   . ILE A 1 11 ? -1.799  1.898   3.227   1.00 0.00 ? 11 ILE A HB   1 
ATOM 163 H HG12 . ILE A 1 11 ? -4.200  2.149   1.555   1.00 0.00 ? 11 ILE A HG12 1 
ATOM 164 H HG13 . ILE A 1 11 ? -4.262  3.245   2.915   1.00 0.00 ? 11 ILE A HG13 1 
ATOM 165 H HG21 . ILE A 1 11 ? -3.843  -0.158  2.407   1.00 0.00 ? 11 ILE A HG21 1 
ATOM 166 H HG22 . ILE A 1 11 ? -2.505  0.409   1.425   1.00 0.00 ? 11 ILE A HG22 1 
ATOM 167 H HG23 . ILE A 1 11 ? -2.179  -0.440  2.915   1.00 0.00 ? 11 ILE A HG23 1 
ATOM 168 H HD11 . ILE A 1 11 ? -2.766  4.593   1.913   1.00 0.00 ? 11 ILE A HD11 1 
ATOM 169 H HD12 . ILE A 1 11 ? -1.587  3.308   1.822   1.00 0.00 ? 11 ILE A HD12 1 
ATOM 170 H HD13 . ILE A 1 11 ? -2.761  3.510   0.534   1.00 0.00 ? 11 ILE A HD13 1 
ATOM 171 N N    . ALA A 1 12 ? -3.463  -0.798  4.958   1.00 0.00 ? 12 ALA A N    1 
ATOM 172 C CA   . ALA A 1 12 ? -3.086  -2.056  5.689   1.00 0.00 ? 12 ALA A CA   1 
ATOM 173 C C    . ALA A 1 12 ? -2.568  -3.236  4.859   1.00 0.00 ? 12 ALA A C    1 
ATOM 174 O O    . ALA A 1 12 ? -1.405  -3.579  4.962   1.00 0.00 ? 12 ALA A O    1 
ATOM 175 C CB   . ALA A 1 12 ? -4.316  -2.510  6.497   1.00 0.00 ? 12 ALA A CB   1 
ATOM 176 H H    . ALA A 1 12 ? -4.032  -0.809  4.153   1.00 0.00 ? 12 ALA A H    1 
ATOM 177 H HA   . ALA A 1 12 ? -2.309  -1.815  6.397   1.00 0.00 ? 12 ALA A HA   1 
ATOM 178 H HB1  . ALA A 1 12 ? -4.052  -3.316  7.165   1.00 0.00 ? 12 ALA A HB1  1 
ATOM 179 H HB2  . ALA A 1 12 ? -4.702  -1.687  7.080   1.00 0.00 ? 12 ALA A HB2  1 
ATOM 180 H HB3  . ALA A 1 12 ? -5.095  -2.857  5.834   1.00 0.00 ? 12 ALA A HB3  1 
ATOM 181 N N    . TYR A 1 13 ? -3.428  -3.820  4.065   1.00 0.00 ? 13 TYR A N    1 
ATOM 182 C CA   . TYR A 1 13 ? -3.028  -4.989  3.220   1.00 0.00 ? 13 TYR A CA   1 
ATOM 183 C C    . TYR A 1 13 ? -2.702  -4.462  1.831   1.00 0.00 ? 13 TYR A C    1 
ATOM 184 O O    . TYR A 1 13 ? -3.289  -3.491  1.407   1.00 0.00 ? 13 TYR A O    1 
ATOM 185 C CB   . TYR A 1 13 ? -4.225  -5.985  3.230   1.00 0.00 ? 13 TYR A CB   1 
ATOM 186 C CG   . TYR A 1 13 ? -4.162  -7.084  2.140   1.00 0.00 ? 13 TYR A CG   1 
ATOM 187 C CD1  . TYR A 1 13 ? -2.987  -7.757  1.845   1.00 0.00 ? 13 TYR A CD1  1 
ATOM 188 C CD2  . TYR A 1 13 ? -5.307  -7.422  1.438   1.00 0.00 ? 13 TYR A CD2  1 
ATOM 189 C CE1  . TYR A 1 13 ? -2.966  -8.738  0.875   1.00 0.00 ? 13 TYR A CE1  1 
ATOM 190 C CE2  . TYR A 1 13 ? -5.284  -8.402  0.468   1.00 0.00 ? 13 TYR A CE2  1 
ATOM 191 C CZ   . TYR A 1 13 ? -4.113  -9.067  0.183   1.00 0.00 ? 13 TYR A CZ   1 
ATOM 192 O OH   . TYR A 1 13 ? -4.096  -10.055 -0.781  1.00 0.00 ? 13 TYR A OH   1 
ATOM 193 H H    . TYR A 1 13 ? -4.349  -3.486  4.006   1.00 0.00 ? 13 TYR A H    1 
ATOM 194 H HA   . TYR A 1 13 ? -2.151  -5.460  3.639   1.00 0.00 ? 13 TYR A HA   1 
ATOM 195 H HB2  . TYR A 1 13 ? -4.248  -6.478  4.191   1.00 0.00 ? 13 TYR A HB2  1 
ATOM 196 H HB3  . TYR A 1 13 ? -5.149  -5.437  3.124   1.00 0.00 ? 13 TYR A HB3  1 
ATOM 197 H HD1  . TYR A 1 13 ? -2.078  -7.515  2.377   1.00 0.00 ? 13 TYR A HD1  1 
ATOM 198 H HD2  . TYR A 1 13 ? -6.238  -6.917  1.649   1.00 0.00 ? 13 TYR A HD2  1 
ATOM 199 H HE1  . TYR A 1 13 ? -2.044  -9.253  0.643   1.00 0.00 ? 13 TYR A HE1  1 
ATOM 200 H HE2  . TYR A 1 13 ? -6.184  -8.648  -0.077  1.00 0.00 ? 13 TYR A HE2  1 
ATOM 201 H HH   . TYR A 1 13 ? -3.190  -10.355 -0.886  1.00 0.00 ? 13 TYR A HH   1 
ATOM 202 N N    . GLY A 1 14 ? -1.777  -5.104  1.168   1.00 0.00 ? 14 GLY A N    1 
ATOM 203 C CA   . GLY A 1 14 ? -1.386  -4.665  -0.202  1.00 0.00 ? 14 GLY A CA   1 
ATOM 204 C C    . GLY A 1 14 ? -1.133  -5.878  -1.084  1.00 0.00 ? 14 GLY A C    1 
ATOM 205 O O    . GLY A 1 14 ? -0.688  -6.906  -0.609  1.00 0.00 ? 14 GLY A O    1 
ATOM 206 H H    . GLY A 1 14 ? -1.335  -5.880  1.573   1.00 0.00 ? 14 GLY A H    1 
ATOM 207 H HA2  . GLY A 1 14 ? -2.194  -4.098  -0.632  1.00 0.00 ? 14 GLY A HA2  1 
ATOM 208 H HA3  . GLY A 1 14 ? -0.510  -4.050  -0.146  1.00 0.00 ? 14 GLY A HA3  1 
ATOM 209 N N    . VAL A 1 15 ? -1.427  -5.714  -2.350  1.00 0.00 ? 15 VAL A N    1 
ATOM 210 C CA   . VAL A 1 15 ? -1.240  -6.816  -3.333  1.00 0.00 ? 15 VAL A CA   1 
ATOM 211 C C    . VAL A 1 15 ? -0.506  -6.323  -4.587  1.00 0.00 ? 15 VAL A C    1 
ATOM 212 O O    . VAL A 1 15 ? -1.127  -6.038  -5.589  1.00 0.00 ? 15 VAL A O    1 
ATOM 213 C CB   . VAL A 1 15 ? -2.654  -7.333  -3.653  1.00 0.00 ? 15 VAL A CB   1 
ATOM 214 C CG1  . VAL A 1 15 ? -2.601  -8.686  -4.336  1.00 0.00 ? 15 VAL A CG1  1 
ATOM 215 C CG2  . VAL A 1 15 ? -3.430  -7.552  -2.346  1.00 0.00 ? 15 VAL A CG2  1 
ATOM 216 H H    . VAL A 1 15 ? -1.784  -4.861  -2.676  1.00 0.00 ? 15 VAL A H    1 
ATOM 217 H HA   . VAL A 1 15 ? -0.652  -7.604  -2.886  1.00 0.00 ? 15 VAL A HA   1 
ATOM 218 H HB   . VAL A 1 15 ? -3.138  -6.597  -4.279  1.00 0.00 ? 15 VAL A HB   1 
ATOM 219 H HG11 . VAL A 1 15 ? -1.892  -8.669  -5.146  1.00 0.00 ? 15 VAL A HG11 1 
ATOM 220 H HG12 . VAL A 1 15 ? -2.314  -9.440  -3.617  1.00 0.00 ? 15 VAL A HG12 1 
ATOM 221 H HG13 . VAL A 1 15 ? -3.588  -8.915  -4.711  1.00 0.00 ? 15 VAL A HG13 1 
ATOM 222 H HG21 . VAL A 1 15 ? -4.395  -7.998  -2.540  1.00 0.00 ? 15 VAL A HG21 1 
ATOM 223 H HG22 . VAL A 1 15 ? -2.847  -8.218  -1.731  1.00 0.00 ? 15 VAL A HG22 1 
ATOM 224 H HG23 . VAL A 1 15 ? -3.572  -6.633  -1.802  1.00 0.00 ? 15 VAL A HG23 1 
ATOM 225 N N    . CYS A 1 16 ? 0.797   -6.229  -4.525  1.00 0.00 ? 16 CYS A N    1 
ATOM 226 C CA   . CYS A 1 16 ? 1.547   -5.753  -5.728  1.00 0.00 ? 16 CYS A CA   1 
ATOM 227 C C    . CYS A 1 16 ? 1.253   -6.595  -6.996  1.00 0.00 ? 16 CYS A C    1 
ATOM 228 O O    . CYS A 1 16 ? 1.017   -6.001  -8.031  1.00 0.00 ? 16 CYS A O    1 
ATOM 229 C CB   . CYS A 1 16 ? 3.048   -5.769  -5.388  1.00 0.00 ? 16 CYS A CB   1 
ATOM 230 S SG   . CYS A 1 16 ? 3.497   -4.929  -3.851  1.00 0.00 ? 16 CYS A SG   1 
ATOM 231 H H    . CYS A 1 16 ? 1.275   -6.468  -3.703  1.00 0.00 ? 16 CYS A H    1 
ATOM 232 H HA   . CYS A 1 16 ? 1.249   -4.734  -5.924  1.00 0.00 ? 16 CYS A HA   1 
ATOM 233 H HB2  . CYS A 1 16 ? 3.425   -6.774  -5.322  1.00 0.00 ? 16 CYS A HB2  1 
ATOM 234 H HB3  . CYS A 1 16 ? 3.571   -5.287  -6.196  1.00 0.00 ? 16 CYS A HB3  1 
ATOM 235 N N    . PRO A 1 17 ? 1.263   -7.915  -6.926  1.00 0.00 ? 17 PRO A N    1 
ATOM 236 C CA   . PRO A 1 17 ? 0.954   -8.762  -8.109  1.00 0.00 ? 17 PRO A CA   1 
ATOM 237 C C    . PRO A 1 17 ? -0.568  -8.754  -8.367  1.00 0.00 ? 17 PRO A C    1 
ATOM 238 O O    . PRO A 1 17 ? -1.284  -9.603  -7.870  1.00 0.00 ? 17 PRO A O    1 
ATOM 239 C CB   . PRO A 1 17 ? 1.487   -10.151 -7.763  1.00 0.00 ? 17 PRO A CB   1 
ATOM 240 C CG   . PRO A 1 17 ? 1.556   -10.196 -6.213  1.00 0.00 ? 17 PRO A CG   1 
ATOM 241 C CD   . PRO A 1 17 ? 1.578   -8.732  -5.718  1.00 0.00 ? 17 PRO A CD   1 
ATOM 242 H HA   . PRO A 1 17 ? 1.467   -8.369  -8.975  1.00 0.00 ? 17 PRO A HA   1 
ATOM 243 H HB2  . PRO A 1 17 ? 0.843   -10.930 -8.141  1.00 0.00 ? 17 PRO A HB2  1 
ATOM 244 H HB3  . PRO A 1 17 ? 2.475   -10.282 -8.181  1.00 0.00 ? 17 PRO A HB3  1 
ATOM 245 H HG2  . PRO A 1 17 ? 0.691   -10.709 -5.818  1.00 0.00 ? 17 PRO A HG2  1 
ATOM 246 H HG3  . PRO A 1 17 ? 2.448   -10.715 -5.893  1.00 0.00 ? 17 PRO A HG3  1 
ATOM 247 H HD2  . PRO A 1 17 ? 0.840   -8.560  -4.953  1.00 0.00 ? 17 PRO A HD2  1 
ATOM 248 H HD3  . PRO A 1 17 ? 2.560   -8.498  -5.348  1.00 0.00 ? 17 PRO A HD3  1 
ATOM 249 N N    . ARG A 1 18 ? -1.006  -7.786  -9.136  1.00 0.00 ? 18 ARG A N    1 
ATOM 250 C CA   . ARG A 1 18 ? -2.460  -7.622  -9.498  1.00 0.00 ? 18 ARG A CA   1 
ATOM 251 C C    . ARG A 1 18 ? -3.388  -7.334  -8.291  1.00 0.00 ? 18 ARG A C    1 
ATOM 252 O O    . ARG A 1 18 ? -2.918  -7.426  -7.170  1.00 0.00 ? 18 ARG A O    1 
ATOM 253 C CB   . ARG A 1 18 ? -2.964  -8.910  -10.222 1.00 0.00 ? 18 ARG A CB   1 
ATOM 254 C CG   . ARG A 1 18 ? -2.011  -9.307  -11.384 1.00 0.00 ? 18 ARG A CG   1 
ATOM 255 C CD   . ARG A 1 18 ? -1.988  -10.838 -11.557 1.00 0.00 ? 18 ARG A CD   1 
ATOM 256 N NE   . ARG A 1 18 ? -1.286  -11.450 -10.380 1.00 0.00 ? 18 ARG A NE   1 
ATOM 257 C CZ   . ARG A 1 18 ? -1.922  -12.091 -9.428  1.00 0.00 ? 18 ARG A CZ   1 
ATOM 258 N NH1  . ARG A 1 18 ? -3.221  -12.234 -9.450  1.00 0.00 ? 18 ARG A NH1  1 
ATOM 259 N NH2  . ARG A 1 18 ? -1.211  -12.585 -8.451  1.00 0.00 ? 18 ARG A NH2  1 
ATOM 260 O OXT  . ARG A 1 18 ? -4.537  -7.028  -8.560  1.00 0.00 ? 18 ARG A OXT  1 
ATOM 261 H H    . ARG A 1 18 ? -0.359  -7.140  -9.489  1.00 0.00 ? 18 ARG A H    1 
ATOM 262 H HA   . ARG A 1 18 ? -2.533  -6.790  -10.182 1.00 0.00 ? 18 ARG A HA   1 
ATOM 263 H HB2  . ARG A 1 18 ? -3.064  -9.710  -9.507  1.00 0.00 ? 18 ARG A HB2  1 
ATOM 264 H HB3  . ARG A 1 18 ? -3.942  -8.715  -10.637 1.00 0.00 ? 18 ARG A HB3  1 
ATOM 265 H HG2  . ARG A 1 18 ? -2.362  -8.854  -12.301 1.00 0.00 ? 18 ARG A HG2  1 
ATOM 266 H HG3  . ARG A 1 18 ? -1.005  -8.960  -11.205 1.00 0.00 ? 18 ARG A HG3  1 
ATOM 267 H HD2  . ARG A 1 18 ? -2.987  -11.234 -11.656 1.00 0.00 ? 18 ARG A HD2  1 
ATOM 268 H HD3  . ARG A 1 18 ? -1.431  -11.091 -12.448 1.00 0.00 ? 18 ARG A HD3  1 
ATOM 269 H HE   . ARG A 1 18 ? -0.312  -11.369 -10.319 1.00 0.00 ? 18 ARG A HE   1 
ATOM 270 H HH11 . ARG A 1 18 ? -3.763  -11.853 -10.197 1.00 0.00 ? 18 ARG A HH11 1 
ATOM 271 H HH12 . ARG A 1 18 ? -3.676  -12.729 -8.711  1.00 0.00 ? 18 ARG A HH12 1 
ATOM 272 H HH21 . ARG A 1 18 ? -0.218  -12.472 -8.447  1.00 0.00 ? 18 ARG A HH21 1 
ATOM 273 H HH22 . ARG A 1 18 ? -1.662  -13.078 -7.708  1.00 0.00 ? 18 ARG A HH22 1 
ATOM 274 N N    . ARG B 2 1  ? 5.885   -0.797  8.884   1.00 0.00 ? 1  ARG B N    1 
ATOM 275 C CA   . ARG B 2 1  ? 4.522   -1.141  8.393   1.00 0.00 ? 1  ARG B CA   1 
ATOM 276 C C    . ARG B 2 1  ? 3.819   0.142   7.932   1.00 0.00 ? 1  ARG B C    1 
ATOM 277 O O    . ARG B 2 1  ? 3.320   0.198   6.826   1.00 0.00 ? 1  ARG B O    1 
ATOM 278 C CB   . ARG B 2 1  ? 3.712   -1.800  9.528   1.00 0.00 ? 1  ARG B CB   1 
ATOM 279 C CG   . ARG B 2 1  ? 2.395   -2.384  8.970   1.00 0.00 ? 1  ARG B CG   1 
ATOM 280 C CD   . ARG B 2 1  ? 1.437   -2.658  10.145  1.00 0.00 ? 1  ARG B CD   1 
ATOM 281 N NE   . ARG B 2 1  ? 0.128   -3.139  9.602   1.00 0.00 ? 1  ARG B NE   1 
ATOM 282 C CZ   . ARG B 2 1  ? -0.742  -2.320  9.063   1.00 0.00 ? 1  ARG B CZ   1 
ATOM 283 N NH1  . ARG B 2 1  ? -0.490  -1.040  8.974   1.00 0.00 ? 1  ARG B NH1  1 
ATOM 284 N NH2  . ARG B 2 1  ? -1.857  -2.827  8.621   1.00 0.00 ? 1  ARG B NH2  1 
ATOM 285 H H1   . ARG B 2 1  ? 5.821   -0.008  9.558   1.00 0.00 ? 1  ARG B H1   1 
ATOM 286 H H2   . ARG B 2 1  ? 6.301   -1.625  9.357   1.00 0.00 ? 1  ARG B H2   1 
ATOM 287 H H3   . ARG B 2 1  ? 6.482   -0.519  8.080   1.00 0.00 ? 1  ARG B H3   1 
ATOM 288 H HA   . ARG B 2 1  ? 4.617   -1.815  7.554   1.00 0.00 ? 1  ARG B HA   1 
ATOM 289 H HB2  . ARG B 2 1  ? 4.296   -2.592  9.972   1.00 0.00 ? 1  ARG B HB2  1 
ATOM 290 H HB3  . ARG B 2 1  ? 3.497   -1.067  10.293  1.00 0.00 ? 1  ARG B HB3  1 
ATOM 291 H HG2  . ARG B 2 1  ? 1.934   -1.691  8.281   1.00 0.00 ? 1  ARG B HG2  1 
ATOM 292 H HG3  . ARG B 2 1  ? 2.597   -3.307  8.446   1.00 0.00 ? 1  ARG B HG3  1 
ATOM 293 H HD2  . ARG B 2 1  ? 1.843   -3.425  10.789  1.00 0.00 ? 1  ARG B HD2  1 
ATOM 294 H HD3  . ARG B 2 1  ? 1.273   -1.762  10.727  1.00 0.00 ? 1  ARG B HD3  1 
ATOM 295 H HE   . ARG B 2 1  ? -0.088  -4.094  9.654   1.00 0.00 ? 1  ARG B HE   1 
ATOM 296 H HH11 . ARG B 2 1  ? 0.372   -0.671  9.318   1.00 0.00 ? 1  ARG B HH11 1 
ATOM 297 H HH12 . ARG B 2 1  ? -1.165  -0.428  8.561   1.00 0.00 ? 1  ARG B HH12 1 
ATOM 298 H HH21 . ARG B 2 1  ? -2.024  -3.810  8.696   1.00 0.00 ? 1  ARG B HH21 1 
ATOM 299 H HH22 . ARG B 2 1  ? -2.549  -2.234  8.208   1.00 0.00 ? 1  ARG B HH22 1 
ATOM 300 N N    . ILE B 2 2  ? 3.808   1.121   8.802   1.00 0.00 ? 2  ILE B N    1 
ATOM 301 C CA   . ILE B 2 2  ? 3.161   2.437   8.503   1.00 0.00 ? 2  ILE B CA   1 
ATOM 302 C C    . ILE B 2 2  ? 4.247   3.507   8.291   1.00 0.00 ? 2  ILE B C    1 
ATOM 303 O O    . ILE B 2 2  ? 5.028   3.790   9.179   1.00 0.00 ? 2  ILE B O    1 
ATOM 304 C CB   . ILE B 2 2  ? 2.208   2.771   9.708   1.00 0.00 ? 2  ILE B CB   1 
ATOM 305 C CG1  . ILE B 2 2  ? 1.246   3.975   9.408   1.00 0.00 ? 2  ILE B CG1  1 
ATOM 306 C CG2  . ILE B 2 2  ? 2.966   2.953   11.053  1.00 0.00 ? 2  ILE B CG2  1 
ATOM 307 C CD1  . ILE B 2 2  ? 1.965   5.341   9.318   1.00 0.00 ? 2  ILE B CD1  1 
ATOM 308 H H    . ILE B 2 2  ? 4.237   0.986   9.674   1.00 0.00 ? 2  ILE B H    1 
ATOM 309 H HA   . ILE B 2 2  ? 2.566   2.350   7.610   1.00 0.00 ? 2  ILE B HA   1 
ATOM 310 H HB   . ILE B 2 2  ? 1.571   1.908   9.838   1.00 0.00 ? 2  ILE B HB   1 
ATOM 311 H HG12 . ILE B 2 2  ? 0.728   3.796   8.480   1.00 0.00 ? 2  ILE B HG12 1 
ATOM 312 H HG13 . ILE B 2 2  ? 0.502   4.029   10.191  1.00 0.00 ? 2  ILE B HG13 1 
ATOM 313 H HG21 . ILE B 2 2  ? 3.637   2.121   11.216  1.00 0.00 ? 2  ILE B HG21 1 
ATOM 314 H HG22 . ILE B 2 2  ? 3.544   3.864   11.068  1.00 0.00 ? 2  ILE B HG22 1 
ATOM 315 H HG23 . ILE B 2 2  ? 2.260   2.982   11.868  1.00 0.00 ? 2  ILE B HG23 1 
ATOM 316 H HD11 . ILE B 2 2  ? 1.228   6.130   9.351   1.00 0.00 ? 2  ILE B HD11 1 
ATOM 317 H HD12 . ILE B 2 2  ? 2.646   5.483   10.142  1.00 0.00 ? 2  ILE B HD12 1 
ATOM 318 H HD13 . ILE B 2 2  ? 2.506   5.427   8.389   1.00 0.00 ? 2  ILE B HD13 1 
ATOM 319 N N    . CYS B 2 3  ? 4.263   4.068   7.106   1.00 0.00 ? 3  CYS B N    1 
ATOM 320 C CA   . CYS B 2 3  ? 5.259   5.126   6.757   1.00 0.00 ? 3  CYS B CA   1 
ATOM 321 C C    . CYS B 2 3  ? 4.866   5.887   5.468   1.00 0.00 ? 3  CYS B C    1 
ATOM 322 O O    . CYS B 2 3  ? 5.588   6.775   5.058   1.00 0.00 ? 3  CYS B O    1 
ATOM 323 C CB   . CYS B 2 3  ? 6.670   4.479   6.594   1.00 0.00 ? 3  CYS B CB   1 
ATOM 324 S SG   . CYS B 2 3  ? 7.227   4.039   4.934   1.00 0.00 ? 3  CYS B SG   1 
ATOM 325 H H    . CYS B 2 3  ? 3.609   3.793   6.435   1.00 0.00 ? 3  CYS B H    1 
ATOM 326 H HA   . CYS B 2 3  ? 5.289   5.837   7.567   1.00 0.00 ? 3  CYS B HA   1 
ATOM 327 H HB2  . CYS B 2 3  ? 7.396   5.171   6.996   1.00 0.00 ? 3  CYS B HB2  1 
ATOM 328 H HB3  . CYS B 2 3  ? 6.718   3.584   7.197   1.00 0.00 ? 3  CYS B HB3  1 
ATOM 329 N N    . THR B 2 4  ? 3.750   5.521   4.870   1.00 0.00 ? 4  THR B N    1 
ATOM 330 C CA   . THR B 2 4  ? 3.225   6.175   3.619   1.00 0.00 ? 4  THR B CA   1 
ATOM 331 C C    . THR B 2 4  ? 3.888   5.916   2.263   1.00 0.00 ? 4  THR B C    1 
ATOM 332 O O    . THR B 2 4  ? 5.045   6.222   2.068   1.00 0.00 ? 4  THR B O    1 
ATOM 333 C CB   . THR B 2 4  ? 3.193   7.720   3.820   1.00 0.00 ? 4  THR B CB   1 
ATOM 334 O OG1  . THR B 2 4  ? 2.579   7.922   5.087   1.00 0.00 ? 4  THR B OG1  1 
ATOM 335 C CG2  . THR B 2 4  ? 2.244   8.414   2.820   1.00 0.00 ? 4  THR B CG2  1 
ATOM 336 H H    . THR B 2 4  ? 3.217   4.780   5.237   1.00 0.00 ? 4  THR B H    1 
ATOM 337 H HA   . THR B 2 4  ? 2.196   5.885   3.519   1.00 0.00 ? 4  THR B HA   1 
ATOM 338 H HB   . THR B 2 4  ? 4.176   8.160   3.805   1.00 0.00 ? 4  THR B HB   1 
ATOM 339 H HG1  . THR B 2 4  ? 1.968   7.199   5.240   1.00 0.00 ? 4  THR B HG1  1 
ATOM 340 H HG21 . THR B 2 4  ? 2.726   8.496   1.857   1.00 0.00 ? 4  THR B HG21 1 
ATOM 341 H HG22 . THR B 2 4  ? 1.333   7.849   2.700   1.00 0.00 ? 4  THR B HG22 1 
ATOM 342 H HG23 . THR B 2 4  ? 1.996   9.405   3.168   1.00 0.00 ? 4  THR B HG23 1 
ATOM 343 N N    . ASN B 2 5  ? 3.058   5.355   1.410   1.00 0.00 ? 5  ASN B N    1 
ATOM 344 C CA   . ASN B 2 5  ? 3.308   4.958   -0.019  1.00 0.00 ? 5  ASN B CA   1 
ATOM 345 C C    . ASN B 2 5  ? 3.166   3.468   -0.328  1.00 0.00 ? 5  ASN B C    1 
ATOM 346 O O    . ASN B 2 5  ? 3.635   2.618   0.403   1.00 0.00 ? 5  ASN B O    1 
ATOM 347 C CB   . ASN B 2 5  ? 4.717   5.384   -0.510  1.00 0.00 ? 5  ASN B CB   1 
ATOM 348 C CG   . ASN B 2 5  ? 4.806   5.179   -2.030  1.00 0.00 ? 5  ASN B CG   1 
ATOM 349 O OD1  . ASN B 2 5  ? 4.509   6.063   -2.810  1.00 0.00 ? 5  ASN B OD1  1 
ATOM 350 N ND2  . ASN B 2 5  ? 5.207   4.026   -2.491  1.00 0.00 ? 5  ASN B ND2  1 
ATOM 351 H H    . ASN B 2 5  ? 2.159   5.164   1.747   1.00 0.00 ? 5  ASN B H    1 
ATOM 352 H HA   . ASN B 2 5  ? 2.548   5.472   -0.567  1.00 0.00 ? 5  ASN B HA   1 
ATOM 353 H HB2  . ASN B 2 5  ? 4.904   6.426   -0.295  1.00 0.00 ? 5  ASN B HB2  1 
ATOM 354 H HB3  . ASN B 2 5  ? 5.463   4.778   -0.037  1.00 0.00 ? 5  ASN B HB3  1 
ATOM 355 H HD21 . ASN B 2 5  ? 5.445   3.307   -1.868  1.00 0.00 ? 5  ASN B HD21 1 
ATOM 356 H HD22 . ASN B 2 5  ? 5.271   3.879   -3.457  1.00 0.00 ? 5  ASN B HD22 1 
ATOM 357 N N    . CYS B 2 6  ? 2.487   3.270   -1.441  1.00 0.00 ? 6  CYS B N    1 
ATOM 358 C CA   . CYS B 2 6  ? 2.159   1.944   -2.035  1.00 0.00 ? 6  CYS B CA   1 
ATOM 359 C C    . CYS B 2 6  ? 3.271   0.970   -2.347  1.00 0.00 ? 6  CYS B C    1 
ATOM 360 O O    . CYS B 2 6  ? 3.085   0.023   -3.083  1.00 0.00 ? 6  CYS B O    1 
ATOM 361 C CB   . CYS B 2 6  ? 1.288   2.200   -3.264  1.00 0.00 ? 6  CYS B CB   1 
ATOM 362 S SG   . CYS B 2 6  ? -0.477  2.002   -2.837  1.00 0.00 ? 6  CYS B SG   1 
ATOM 363 H H    . CYS B 2 6  ? 2.159   4.063   -1.896  1.00 0.00 ? 6  CYS B H    1 
ATOM 364 H HA   . CYS B 2 6  ? 1.452   1.449   -1.412  1.00 0.00 ? 6  CYS B HA   1 
ATOM 365 H HB2  . CYS B 2 6  ? 1.568   3.171   -3.584  1.00 0.00 ? 6  CYS B HB2  1 
ATOM 366 H HB3  . CYS B 2 6  ? 1.542   1.504   -4.029  1.00 0.00 ? 6  CYS B HB3  1 
ATOM 367 N N    . CYS B 2 7  ? 4.427   1.223   -1.802  1.00 0.00 ? 7  CYS B N    1 
ATOM 368 C CA   . CYS B 2 7  ? 5.544   0.270   -2.029  1.00 0.00 ? 7  CYS B CA   1 
ATOM 369 C C    . CYS B 2 7  ? 5.082   -0.789  -0.948  1.00 0.00 ? 7  CYS B C    1 
ATOM 370 O O    . CYS B 2 7  ? 5.420   -1.956  -1.005  1.00 0.00 ? 7  CYS B O    1 
ATOM 371 C CB   . CYS B 2 7  ? 6.883   0.878   -1.631  1.00 0.00 ? 7  CYS B CB   1 
ATOM 372 S SG   . CYS B 2 7  ? 8.356   -0.049  -2.127  1.00 0.00 ? 7  CYS B SG   1 
ATOM 373 H H    . CYS B 2 7  ? 4.569   2.022   -1.257  1.00 0.00 ? 7  CYS B H    1 
ATOM 374 H HA   . CYS B 2 7  ? 5.518   -0.148  -3.025  1.00 0.00 ? 7  CYS B HA   1 
ATOM 375 H HB2  . CYS B 2 7  ? 6.954   1.857   -2.081  1.00 0.00 ? 7  CYS B HB2  1 
ATOM 376 H HB3  . CYS B 2 7  ? 6.914   1.000   -0.559  1.00 0.00 ? 7  CYS B HB3  1 
ATOM 377 N N    . ALA B 2 8  ? 4.305   -0.274  -0.003  1.00 0.00 ? 8  ALA B N    1 
ATOM 378 C CA   . ALA B 2 8  ? 3.684   -0.965  1.154   1.00 0.00 ? 8  ALA B CA   1 
ATOM 379 C C    . ALA B 2 8  ? 2.456   -0.078  1.595   1.00 0.00 ? 8  ALA B C    1 
ATOM 380 O O    . ALA B 2 8  ? 2.105   -0.062  2.760   1.00 0.00 ? 8  ALA B O    1 
ATOM 381 C CB   . ALA B 2 8  ? 4.759   -1.072  2.256   1.00 0.00 ? 8  ALA B CB   1 
ATOM 382 H H    . ALA B 2 8  ? 4.105   0.679   -0.049  1.00 0.00 ? 8  ALA B H    1 
ATOM 383 H HA   . ALA B 2 8  ? 3.336   -1.942  0.855   1.00 0.00 ? 8  ALA B HA   1 
ATOM 384 H HB1  . ALA B 2 8  ? 5.261   -2.024  2.181   1.00 0.00 ? 8  ALA B HB1  1 
ATOM 385 H HB2  . ALA B 2 8  ? 5.498   -0.296  2.127   1.00 0.00 ? 8  ALA B HB2  1 
ATOM 386 H HB3  . ALA B 2 8  ? 4.328   -0.978  3.240   1.00 0.00 ? 8  ALA B HB3  1 
ATOM 387 N N    . GLY B 2 9  ? 1.835   0.633   0.661   1.00 0.00 ? 9  GLY B N    1 
ATOM 388 C CA   . GLY B 2 9  ? 0.644   1.515   1.007   1.00 0.00 ? 9  GLY B CA   1 
ATOM 389 C C    . GLY B 2 9  ? -0.281  2.326   -0.003  1.00 0.00 ? 9  GLY B C    1 
ATOM 390 O O    . GLY B 2 9  ? -1.378  1.890   -0.284  1.00 0.00 ? 9  GLY B O    1 
ATOM 391 H H    . GLY B 2 9  ? 2.172   0.570   -0.252  1.00 0.00 ? 9  GLY B H    1 
ATOM 392 H HA2  . GLY B 2 9  ? -0.026  0.898   1.587   1.00 0.00 ? 9  GLY B HA2  1 
ATOM 393 H HA3  . GLY B 2 9  ? 1.034   2.262   1.677   1.00 0.00 ? 9  GLY B HA3  1 
ATOM 394 N N    . LYS B 2 10 ? 0.195   3.454   -0.504  1.00 0.00 ? 10 LYS B N    1 
ATOM 395 C CA   . LYS B 2 10 ? -0.496  4.434   -1.472  1.00 0.00 ? 10 LYS B CA   1 
ATOM 396 C C    . LYS B 2 10 ? 0.364   4.925   -2.713  1.00 0.00 ? 10 LYS B C    1 
ATOM 397 O O    . LYS B 2 10 ? 1.337   5.631   -2.539  1.00 0.00 ? 10 LYS B O    1 
ATOM 398 C CB   . LYS B 2 10 ? -0.926  5.645   -0.617  1.00 0.00 ? 10 LYS B CB   1 
ATOM 399 C CG   . LYS B 2 10 ? -1.674  6.718   -1.442  1.00 0.00 ? 10 LYS B CG   1 
ATOM 400 C CD   . LYS B 2 10 ? -0.813  8.000   -1.533  1.00 0.00 ? 10 LYS B CD   1 
ATOM 401 C CE   . LYS B 2 10 ? -0.878  8.792   -0.209  1.00 0.00 ? 10 LYS B CE   1 
ATOM 402 N NZ   . LYS B 2 10 ? -2.282  9.198   0.086   1.00 0.00 ? 10 LYS B NZ   1 
ATOM 403 H H    . LYS B 2 10 ? 1.097   3.649   -0.223  1.00 0.00 ? 10 LYS B H    1 
ATOM 404 H HA   . LYS B 2 10 ? -1.399  3.978   -1.851  1.00 0.00 ? 10 LYS B HA   1 
ATOM 405 H HB2  . LYS B 2 10 ? -1.577  5.316   0.173   1.00 0.00 ? 10 LYS B HB2  1 
ATOM 406 H HB3  . LYS B 2 10 ? -0.044  6.066   -0.153  1.00 0.00 ? 10 LYS B HB3  1 
ATOM 407 H HG2  . LYS B 2 10 ? -1.882  6.354   -2.434  1.00 0.00 ? 10 LYS B HG2  1 
ATOM 408 H HG3  . LYS B 2 10 ? -2.619  6.938   -0.968  1.00 0.00 ? 10 LYS B HG3  1 
ATOM 409 H HD2  . LYS B 2 10 ? 0.215   7.740   -1.741  1.00 0.00 ? 10 LYS B HD2  1 
ATOM 410 H HD3  . LYS B 2 10 ? -1.177  8.616   -2.342  1.00 0.00 ? 10 LYS B HD3  1 
ATOM 411 H HE2  . LYS B 2 10 ? -0.511  8.194   0.612   1.00 0.00 ? 10 LYS B HE2  1 
ATOM 412 H HE3  . LYS B 2 10 ? -0.274  9.684   -0.285  1.00 0.00 ? 10 LYS B HE3  1 
ATOM 413 H HZ1  . LYS B 2 10 ? -2.281  10.079  0.638   1.00 0.00 ? 10 LYS B HZ1  1 
ATOM 414 H HZ2  . LYS B 2 10 ? -2.794  9.348   -0.806  1.00 0.00 ? 10 LYS B HZ2  1 
ATOM 415 H HZ3  . LYS B 2 10 ? -2.750  8.445   0.631   1.00 0.00 ? 10 LYS B HZ3  1 
ATOM 416 N N    . LYS B 2 11 ? -0.042  4.539   -3.915  1.00 0.00 ? 11 LYS B N    1 
ATOM 417 C CA   . LYS B 2 11 ? 0.606   4.855   -5.265  1.00 0.00 ? 11 LYS B CA   1 
ATOM 418 C C    . LYS B 2 11 ? 1.765   3.860   -5.711  1.00 0.00 ? 11 LYS B C    1 
ATOM 419 O O    . LYS B 2 11 ? 2.912   4.254   -5.809  1.00 0.00 ? 11 LYS B O    1 
ATOM 420 C CB   . LYS B 2 11 ? 1.226   6.299   -5.276  1.00 0.00 ? 11 LYS B CB   1 
ATOM 421 C CG   . LYS B 2 11 ? 0.227   7.399   -4.847  1.00 0.00 ? 11 LYS B CG   1 
ATOM 422 C CD   . LYS B 2 11 ? -0.520  7.924   -6.087  1.00 0.00 ? 11 LYS B CD   1 
ATOM 423 C CE   . LYS B 2 11 ? -1.492  9.043   -5.680  1.00 0.00 ? 11 LYS B CE   1 
ATOM 424 N NZ   . LYS B 2 11 ? -2.608  9.119   -6.664  1.00 0.00 ? 11 LYS B NZ   1 
ATOM 425 H H    . LYS B 2 11 ? -0.850  3.998   -3.934  1.00 0.00 ? 11 LYS B H    1 
ATOM 426 H HA   . LYS B 2 11 ? -0.183  4.794   -5.999  1.00 0.00 ? 11 LYS B HA   1 
ATOM 427 H HB2  . LYS B 2 11 ? 2.087   6.316   -4.627  1.00 0.00 ? 11 LYS B HB2  1 
ATOM 428 H HB3  . LYS B 2 11 ? 1.577   6.513   -6.276  1.00 0.00 ? 11 LYS B HB3  1 
ATOM 429 H HG2  . LYS B 2 11 ? -0.473  7.023   -4.121  1.00 0.00 ? 11 LYS B HG2  1 
ATOM 430 H HG3  . LYS B 2 11 ? 0.777   8.211   -4.394  1.00 0.00 ? 11 LYS B HG3  1 
ATOM 431 H HD2  . LYS B 2 11 ? 0.186   8.308   -6.808  1.00 0.00 ? 11 LYS B HD2  1 
ATOM 432 H HD3  . LYS B 2 11 ? -1.068  7.114   -6.539  1.00 0.00 ? 11 LYS B HD3  1 
ATOM 433 H HE2  . LYS B 2 11 ? -1.910  8.858   -4.701  1.00 0.00 ? 11 LYS B HE2  1 
ATOM 434 H HE3  . LYS B 2 11 ? -0.979  9.993   -5.668  1.00 0.00 ? 11 LYS B HE3  1 
ATOM 435 H HZ1  . LYS B 2 11 ? -2.415  9.874   -7.352  1.00 0.00 ? 11 LYS B HZ1  1 
ATOM 436 H HZ2  . LYS B 2 11 ? -2.694  8.208   -7.162  1.00 0.00 ? 11 LYS B HZ2  1 
ATOM 437 H HZ3  . LYS B 2 11 ? -3.496  9.321   -6.164  1.00 0.00 ? 11 LYS B HZ3  1 
ATOM 438 N N    . GLY B 2 12 ? 1.447   2.602   -5.965  1.00 0.00 ? 12 GLY B N    1 
ATOM 439 C CA   . GLY B 2 12 ? 2.484   1.562   -6.396  1.00 0.00 ? 12 GLY B CA   1 
ATOM 440 C C    . GLY B 2 12 ? 2.120   0.014   -6.433  1.00 0.00 ? 12 GLY B C    1 
ATOM 441 O O    . GLY B 2 12 ? 2.493   -0.663  -7.371  1.00 0.00 ? 12 GLY B O    1 
ATOM 442 H H    . GLY B 2 12 ? 0.509   2.361   -5.862  1.00 0.00 ? 12 GLY B H    1 
ATOM 443 H HA2  . GLY B 2 12 ? 2.813   1.837   -7.388  1.00 0.00 ? 12 GLY B HA2  1 
ATOM 444 H HA3  . GLY B 2 12 ? 3.336   1.667   -5.740  1.00 0.00 ? 12 GLY B HA3  1 
ATOM 445 N N    . CYS B 2 13 ? 1.418   -0.501  -5.439  1.00 0.00 ? 13 CYS B N    1 
ATOM 446 C CA   . CYS B 2 13 ? 0.970   -1.954  -5.283  1.00 0.00 ? 13 CYS B CA   1 
ATOM 447 C C    . CYS B 2 13 ? -0.574  -1.983  -5.055  1.00 0.00 ? 13 CYS B C    1 
ATOM 448 O O    . CYS B 2 13 ? -1.079  -0.938  -4.716  1.00 0.00 ? 13 CYS B O    1 
ATOM 449 C CB   . CYS B 2 13 ? 1.733   -2.478  -4.086  1.00 0.00 ? 13 CYS B CB   1 
ATOM 450 S SG   . CYS B 2 13 ? 3.458   -2.969  -4.336  1.00 0.00 ? 13 CYS B SG   1 
ATOM 451 H H    . CYS B 2 13 ? 1.151   0.104   -4.725  1.00 0.00 ? 13 CYS B H    1 
ATOM 452 H HA   . CYS B 2 13 ? 1.187   -2.547  -6.153  1.00 0.00 ? 13 CYS B HA   1 
ATOM 453 H HB2  . CYS B 2 13 ? 1.736   -1.648  -3.386  1.00 0.00 ? 13 CYS B HB2  1 
ATOM 454 H HB3  . CYS B 2 13 ? 1.200   -3.302  -3.636  1.00 0.00 ? 13 CYS B HB3  1 
ATOM 455 N N    . LYS B 2 14 ? -1.346  -3.050  -5.203  1.00 0.00 ? 14 LYS B N    1 
ATOM 456 C CA   . LYS B 2 14 ? -2.820  -2.840  -4.922  1.00 0.00 ? 14 LYS B CA   1 
ATOM 457 C C    . LYS B 2 14 ? -2.937  -2.655  -3.396  1.00 0.00 ? 14 LYS B C    1 
ATOM 458 O O    . LYS B 2 14 ? -2.011  -3.004  -2.692  1.00 0.00 ? 14 LYS B O    1 
ATOM 459 C CB   . LYS B 2 14 ? -3.647  -4.060  -5.406  1.00 0.00 ? 14 LYS B CB   1 
ATOM 460 C CG   . LYS B 2 14 ? -4.308  -3.790  -6.800  1.00 0.00 ? 14 LYS B CG   1 
ATOM 461 C CD   . LYS B 2 14 ? -3.358  -3.089  -7.836  1.00 0.00 ? 14 LYS B CD   1 
ATOM 462 C CE   . LYS B 2 14 ? -2.663  -4.105  -8.749  1.00 0.00 ? 14 LYS B CE   1 
ATOM 463 N NZ   . LYS B 2 14 ? -1.665  -4.885  -7.971  1.00 0.00 ? 14 LYS B NZ   1 
ATOM 464 H H    . LYS B 2 14 ? -1.016  -3.937  -5.469  1.00 0.00 ? 14 LYS B H    1 
ATOM 465 H HA   . LYS B 2 14 ? -3.153  -1.945  -5.416  1.00 0.00 ? 14 LYS B HA   1 
ATOM 466 H HB2  . LYS B 2 14 ? -3.047  -4.935  -5.472  1.00 0.00 ? 14 LYS B HB2  1 
ATOM 467 H HB3  . LYS B 2 14 ? -4.441  -4.253  -4.703  1.00 0.00 ? 14 LYS B HB3  1 
ATOM 468 H HG2  . LYS B 2 14 ? -4.655  -4.730  -7.202  1.00 0.00 ? 14 LYS B HG2  1 
ATOM 469 H HG3  . LYS B 2 14 ? -5.175  -3.163  -6.650  1.00 0.00 ? 14 LYS B HG3  1 
ATOM 470 H HD2  . LYS B 2 14 ? -3.954  -2.438  -8.459  1.00 0.00 ? 14 LYS B HD2  1 
ATOM 471 H HD3  . LYS B 2 14 ? -2.602  -2.487  -7.360  1.00 0.00 ? 14 LYS B HD3  1 
ATOM 472 H HE2  . LYS B 2 14 ? -3.381  -4.782  -9.185  1.00 0.00 ? 14 LYS B HE2  1 
ATOM 473 H HE3  . LYS B 2 14 ? -2.148  -3.588  -9.544  1.00 0.00 ? 14 LYS B HE3  1 
ATOM 474 H HZ1  . LYS B 2 14 ? -1.185  -5.564  -8.595  1.00 0.00 ? 14 LYS B HZ1  1 
ATOM 475 H HZ2  . LYS B 2 14 ? -0.966  -4.240  -7.550  1.00 0.00 ? 14 LYS B HZ2  1 
ATOM 476 H HZ3  . LYS B 2 14 ? -2.160  -5.398  -7.215  1.00 0.00 ? 14 LYS B HZ3  1 
ATOM 477 N N    . TYR B 2 15 ? -4.036  -2.127  -2.911  1.00 0.00 ? 15 TYR B N    1 
ATOM 478 C CA   . TYR B 2 15 ? -4.185  -1.909  -1.427  1.00 0.00 ? 15 TYR B CA   1 
ATOM 479 C C    . TYR B 2 15 ? -5.587  -1.883  -0.908  1.00 0.00 ? 15 TYR B C    1 
ATOM 480 O O    . TYR B 2 15 ? -6.447  -1.227  -1.463  1.00 0.00 ? 15 TYR B O    1 
ATOM 481 C CB   . TYR B 2 15 ? -3.577  -0.585  -0.979  1.00 0.00 ? 15 TYR B CB   1 
ATOM 482 C CG   . TYR B 2 15 ? -2.093  -0.795  -1.021  1.00 0.00 ? 15 TYR B CG   1 
ATOM 483 C CD1  . TYR B 2 15 ? -1.408  -1.404  -0.010  1.00 0.00 ? 15 TYR B CD1  1 
ATOM 484 C CD2  . TYR B 2 15 ? -1.427  -0.384  -2.124  1.00 0.00 ? 15 TYR B CD2  1 
ATOM 485 C CE1  . TYR B 2 15 ? -0.067  -1.588  -0.136  1.00 0.00 ? 15 TYR B CE1  1 
ATOM 486 C CE2  . TYR B 2 15 ? -0.079  -0.568  -2.250  1.00 0.00 ? 15 TYR B CE2  1 
ATOM 487 C CZ   . TYR B 2 15 ? 0.618   -1.182  -1.236  1.00 0.00 ? 15 TYR B CZ   1 
ATOM 488 O OH   . TYR B 2 15 ? 1.978   -1.410  -1.266  1.00 0.00 ? 15 TYR B OH   1 
ATOM 489 H H    . TYR B 2 15 ? -4.755  -1.892  -3.528  1.00 0.00 ? 15 TYR B H    1 
ATOM 490 H HA   . TYR B 2 15 ? -3.665  -2.717  -0.933  1.00 0.00 ? 15 TYR B HA   1 
ATOM 491 H HB2  . TYR B 2 15 ? -3.854  0.223   -1.638  1.00 0.00 ? 15 TYR B HB2  1 
ATOM 492 H HB3  . TYR B 2 15 ? -3.868  -0.342  0.031   1.00 0.00 ? 15 TYR B HB3  1 
ATOM 493 H HD1  . TYR B 2 15 ? -1.917  -1.734  0.880   1.00 0.00 ? 15 TYR B HD1  1 
ATOM 494 H HD2  . TYR B 2 15 ? -1.982  0.099   -2.910  1.00 0.00 ? 15 TYR B HD2  1 
ATOM 495 H HE1  . TYR B 2 15 ? 0.474   -2.070  0.639   1.00 0.00 ? 15 TYR B HE1  1 
ATOM 496 H HE2  . TYR B 2 15 ? 0.380   -0.213  -3.170  1.00 0.00 ? 15 TYR B HE2  1 
ATOM 497 H HH   . TYR B 2 15 ? 2.192   -2.036  -0.573  1.00 0.00 ? 15 TYR B HH   1 
ATOM 498 N N    . PHE B 2 16 ? -5.650  -2.613  0.175   1.00 0.00 ? 16 PHE B N    1 
ATOM 499 C CA   . PHE B 2 16 ? -6.841  -2.878  1.015   1.00 0.00 ? 16 PHE B CA   1 
ATOM 500 C C    . PHE B 2 16 ? -6.550  -2.313  2.432   1.00 0.00 ? 16 PHE B C    1 
ATOM 501 O O    . PHE B 2 16 ? -5.401  -2.193  2.819   1.00 0.00 ? 16 PHE B O    1 
ATOM 502 C CB   . PHE B 2 16 ? -6.998  -4.410  0.950   1.00 0.00 ? 16 PHE B CB   1 
ATOM 503 C CG   . PHE B 2 16 ? -6.985  -4.858  -0.530  1.00 0.00 ? 16 PHE B CG   1 
ATOM 504 C CD1  . PHE B 2 16 ? -5.775  -5.000  -1.195  1.00 0.00 ? 16 PHE B CD1  1 
ATOM 505 C CD2  . PHE B 2 16 ? -8.154  -5.111  -1.220  1.00 0.00 ? 16 PHE B CD2  1 
ATOM 506 C CE1  . PHE B 2 16 ? -5.733  -5.379  -2.515  1.00 0.00 ? 16 PHE B CE1  1 
ATOM 507 C CE2  . PHE B 2 16 ? -8.108  -5.493  -2.546  1.00 0.00 ? 16 PHE B CE2  1 
ATOM 508 C CZ   . PHE B 2 16 ? -6.900  -5.628  -3.195  1.00 0.00 ? 16 PHE B CZ   1 
ATOM 509 H H    . PHE B 2 16 ? -4.820  -3.038  0.477   1.00 0.00 ? 16 PHE B H    1 
ATOM 510 H HA   . PHE B 2 16 ? -7.704  -2.384  0.598   1.00 0.00 ? 16 PHE B HA   1 
ATOM 511 H HB2  . PHE B 2 16 ? -6.125  -4.842  1.412   1.00 0.00 ? 16 PHE B HB2  1 
ATOM 512 H HB3  . PHE B 2 16 ? -7.885  -4.778  1.435   1.00 0.00 ? 16 PHE B HB3  1 
ATOM 513 H HD1  . PHE B 2 16 ? -4.848  -4.813  -0.672  1.00 0.00 ? 16 PHE B HD1  1 
ATOM 514 H HD2  . PHE B 2 16 ? -9.108  -5.009  -0.724  1.00 0.00 ? 16 PHE B HD2  1 
ATOM 515 H HE1  . PHE B 2 16 ? -4.779  -5.476  -3.016  1.00 0.00 ? 16 PHE B HE1  1 
ATOM 516 H HE2  . PHE B 2 16 ? -9.021  -5.689  -3.085  1.00 0.00 ? 16 PHE B HE2  1 
ATOM 517 H HZ   . PHE B 2 16 ? -6.872  -5.927  -4.232  1.00 0.00 ? 16 PHE B HZ   1 
ATOM 518 N N    . SER B 2 17 ? -7.586  -1.972  3.163   1.00 0.00 ? 17 SER B N    1 
ATOM 519 C CA   . SER B 2 17 ? -7.403  -1.413  4.550   1.00 0.00 ? 17 SER B CA   1 
ATOM 520 C C    . SER B 2 17 ? -8.193  -2.186  5.609   1.00 0.00 ? 17 SER B C    1 
ATOM 521 O O    . SER B 2 17 ? -9.280  -2.648  5.335   1.00 0.00 ? 17 SER B O    1 
ATOM 522 C CB   . SER B 2 17 ? -7.867  0.065   4.601   1.00 0.00 ? 17 SER B CB   1 
ATOM 523 O OG   . SER B 2 17 ? -6.697  0.834   4.371   1.00 0.00 ? 17 SER B OG   1 
ATOM 524 H H    . SER B 2 17 ? -8.488  -2.085  2.798   1.00 0.00 ? 17 SER B H    1 
ATOM 525 H HA   . SER B 2 17 ? -6.358  -1.460  4.816   1.00 0.00 ? 17 SER B HA   1 
ATOM 526 H HB2  . SER B 2 17 ? -8.596  0.304   3.847   1.00 0.00 ? 17 SER B HB2  1 
ATOM 527 H HB3  . SER B 2 17 ? -8.261  0.326   5.573   1.00 0.00 ? 17 SER B HB3  1 
ATOM 528 H HG   . SER B 2 17 ? -6.005  0.260   4.035   1.00 0.00 ? 17 SER B HG   1 
ATOM 529 N N    . ASP B 2 18 ? -7.575  -2.264  6.766   1.00 0.00 ? 18 ASP B N    1 
ATOM 530 C CA   . ASP B 2 18 ? -8.057  -2.937  8.013   1.00 0.00 ? 18 ASP B CA   1 
ATOM 531 C C    . ASP B 2 18 ? -8.649  -4.334  7.798   1.00 0.00 ? 18 ASP B C    1 
ATOM 532 O O    . ASP B 2 18 ? -8.091  -5.348  8.169   1.00 0.00 ? 18 ASP B O    1 
ATOM 533 C CB   . ASP B 2 18 ? -9.095  -1.971  8.670   1.00 0.00 ? 18 ASP B CB   1 
ATOM 534 C CG   . ASP B 2 18 ? -9.941  -2.692  9.738   1.00 0.00 ? 18 ASP B CG   1 
ATOM 535 O OD1  . ASP B 2 18 ? -9.380  -2.953  10.790  1.00 0.00 ? 18 ASP B OD1  1 
ATOM 536 O OD2  . ASP B 2 18 ? -11.098 -2.940  9.439   1.00 0.00 ? 18 ASP B OD2  1 
ATOM 537 H H    . ASP B 2 18 ? -6.712  -1.836  6.822   1.00 0.00 ? 18 ASP B H    1 
ATOM 538 H HA   . ASP B 2 18 ? -7.213  -3.032  8.679   1.00 0.00 ? 18 ASP B HA   1 
ATOM 539 H HB2  . ASP B 2 18 ? -8.576  -1.148  9.139   1.00 0.00 ? 18 ASP B HB2  1 
ATOM 540 H HB3  . ASP B 2 18 ? -9.751  -1.564  7.912   1.00 0.00 ? 18 ASP B HB3  1 
ATOM 541 N N    . ASP B 2 19 ? -9.789  -4.274  7.186   1.00 0.00 ? 19 ASP B N    1 
ATOM 542 C CA   . ASP B 2 19 ? -10.610 -5.472  6.840   1.00 0.00 ? 19 ASP B CA   1 
ATOM 543 C C    . ASP B 2 19 ? -10.362 -5.877  5.382   1.00 0.00 ? 19 ASP B C    1 
ATOM 544 O O    . ASP B 2 19 ? -10.056 -7.016  5.088   1.00 0.00 ? 19 ASP B O    1 
ATOM 545 C CB   . ASP B 2 19 ? -12.102 -5.115  7.067   1.00 0.00 ? 19 ASP B CB   1 
ATOM 546 C CG   . ASP B 2 19 ? -12.498 -3.864  6.248   1.00 0.00 ? 19 ASP B CG   1 
ATOM 547 O OD1  . ASP B 2 19 ? -12.144 -2.777  6.678   1.00 0.00 ? 19 ASP B OD1  1 
ATOM 548 O OD2  . ASP B 2 19 ? -13.134 -4.068  5.226   1.00 0.00 ? 19 ASP B OD2  1 
ATOM 549 H H    . ASP B 2 19 ? -10.075 -3.367  6.953   1.00 0.00 ? 19 ASP B H    1 
ATOM 550 H HA   . ASP B 2 19 ? -10.333 -6.293  7.485   1.00 0.00 ? 19 ASP B HA   1 
ATOM 551 H HB2  . ASP B 2 19 ? -12.728 -5.948  6.776   1.00 0.00 ? 19 ASP B HB2  1 
ATOM 552 H HB3  . ASP B 2 19 ? -12.274 -4.915  8.115   1.00 0.00 ? 19 ASP B HB3  1 
ATOM 553 N N    . GLY B 2 20 ? -10.507 -4.905  4.521   1.00 0.00 ? 20 GLY B N    1 
ATOM 554 C CA   . GLY B 2 20 ? -10.309 -5.103  3.060   1.00 0.00 ? 20 GLY B CA   1 
ATOM 555 C C    . GLY B 2 20 ? -10.788 -3.869  2.280   1.00 0.00 ? 20 GLY B C    1 
ATOM 556 O O    . GLY B 2 20 ? -10.888 -3.918  1.069   1.00 0.00 ? 20 GLY B O    1 
ATOM 557 H H    . GLY B 2 20 ? -10.756 -4.016  4.849   1.00 0.00 ? 20 GLY B H    1 
ATOM 558 H HA2  . GLY B 2 20 ? -9.260  -5.264  2.870   1.00 0.00 ? 20 GLY B HA2  1 
ATOM 559 H HA3  . GLY B 2 20 ? -10.873 -5.966  2.737   1.00 0.00 ? 20 GLY B HA3  1 
ATOM 560 N N    . THR B 2 21 ? -11.069 -2.801  2.991   1.00 0.00 ? 21 THR B N    1 
ATOM 561 C CA   . THR B 2 21 ? -11.546 -1.536  2.348   1.00 0.00 ? 21 THR B CA   1 
ATOM 562 C C    . THR B 2 21 ? -10.446 -0.985  1.429   1.00 0.00 ? 21 THR B C    1 
ATOM 563 O O    . THR B 2 21 ? -9.459  -0.447  1.888   1.00 0.00 ? 21 THR B O    1 
ATOM 564 C CB   . THR B 2 21 ? -11.894 -0.504  3.458   1.00 0.00 ? 21 THR B CB   1 
ATOM 565 O OG1  . THR B 2 21 ? -10.969 -0.716  4.516   1.00 0.00 ? 21 THR B OG1  1 
ATOM 566 C CG2  . THR B 2 21 ? -13.273 -0.794  4.081   1.00 0.00 ? 21 THR B CG2  1 
ATOM 567 H H    . THR B 2 21 ? -10.966 -2.819  3.965   1.00 0.00 ? 21 THR B H    1 
ATOM 568 H HA   . THR B 2 21 ? -12.423 -1.755  1.757   1.00 0.00 ? 21 THR B HA   1 
ATOM 569 H HB   . THR B 2 21 ? -11.813 0.512   3.110   1.00 0.00 ? 21 THR B HB   1 
ATOM 570 H HG1  . THR B 2 21 ? -10.129 -0.981  4.134   1.00 0.00 ? 21 THR B HG1  1 
ATOM 571 H HG21 . THR B 2 21 ? -14.040 -0.288  3.515   1.00 0.00 ? 21 THR B HG21 1 
ATOM 572 H HG22 . THR B 2 21 ? -13.483 -1.853  4.072   1.00 0.00 ? 21 THR B HG22 1 
ATOM 573 H HG23 . THR B 2 21 ? -13.312 -0.440  5.102   1.00 0.00 ? 21 THR B HG23 1 
ATOM 574 N N    . PHE B 2 22 ? -10.657 -1.137  0.148   1.00 0.00 ? 22 PHE B N    1 
ATOM 575 C CA   . PHE B 2 22 ? -9.670  -0.657  -0.868  1.00 0.00 ? 22 PHE B CA   1 
ATOM 576 C C    . PHE B 2 22 ? -9.262  0.832   -0.776  1.00 0.00 ? 22 PHE B C    1 
ATOM 577 O O    . PHE B 2 22 ? -10.039 1.673   -0.369  1.00 0.00 ? 22 PHE B O    1 
ATOM 578 C CB   . PHE B 2 22 ? -10.253 -0.947  -2.264  1.00 0.00 ? 22 PHE B CB   1 
ATOM 579 C CG   . PHE B 2 22 ? -9.081  -0.893  -3.244  1.00 0.00 ? 22 PHE B CG   1 
ATOM 580 C CD1  . PHE B 2 22 ? -8.307  -2.018  -3.467  1.00 0.00 ? 22 PHE B CD1  1 
ATOM 581 C CD2  . PHE B 2 22 ? -8.775  0.290   -3.887  1.00 0.00 ? 22 PHE B CD2  1 
ATOM 582 C CE1  . PHE B 2 22 ? -7.233  -1.960  -4.326  1.00 0.00 ? 22 PHE B CE1  1 
ATOM 583 C CE2  . PHE B 2 22 ? -7.705  0.346   -4.741  1.00 0.00 ? 22 PHE B CE2  1 
ATOM 584 C CZ   . PHE B 2 22 ? -6.946  -0.771  -4.954  1.00 0.00 ? 22 PHE B CZ   1 
ATOM 585 H H    . PHE B 2 22 ? -11.480 -1.577  -0.152  1.00 0.00 ? 22 PHE B H    1 
ATOM 586 H HA   . PHE B 2 22 ? -8.778  -1.251  -0.745  1.00 0.00 ? 22 PHE B HA   1 
ATOM 587 H HB2  . PHE B 2 22 ? -10.700 -1.931  -2.297  1.00 0.00 ? 22 PHE B HB2  1 
ATOM 588 H HB3  . PHE B 2 22 ? -10.994 -0.211  -2.541  1.00 0.00 ? 22 PHE B HB3  1 
ATOM 589 H HD1  . PHE B 2 22 ? -8.546  -2.944  -2.968  1.00 0.00 ? 22 PHE B HD1  1 
ATOM 590 H HD2  . PHE B 2 22 ? -9.376  1.172   -3.720  1.00 0.00 ? 22 PHE B HD2  1 
ATOM 591 H HE1  . PHE B 2 22 ? -6.621  -2.837  -4.505  1.00 0.00 ? 22 PHE B HE1  1 
ATOM 592 H HE2  . PHE B 2 22 ? -7.451  1.262   -5.251  1.00 0.00 ? 22 PHE B HE2  1 
ATOM 593 H HZ   . PHE B 2 22 ? -6.115  -0.688  -5.620  1.00 0.00 ? 22 PHE B HZ   1 
ATOM 594 N N    . ILE B 2 23 ? -8.032  1.083   -1.172  1.00 0.00 ? 23 ILE B N    1 
ATOM 595 C CA   . ILE B 2 23 ? -7.437  2.460   -1.168  1.00 0.00 ? 23 ILE B CA   1 
ATOM 596 C C    . ILE B 2 23 ? -6.495  2.690   -2.370  1.00 0.00 ? 23 ILE B C    1 
ATOM 597 O O    . ILE B 2 23 ? -6.577  3.756   -2.952  1.00 0.00 ? 23 ILE B O    1 
ATOM 598 C CB   . ILE B 2 23 ? -6.590  2.739   0.121   1.00 0.00 ? 23 ILE B CB   1 
ATOM 599 C CG1  . ILE B 2 23 ? -7.056  1.910   1.339   1.00 0.00 ? 23 ILE B CG1  1 
ATOM 600 C CG2  . ILE B 2 23 ? -6.684  4.240   0.474   1.00 0.00 ? 23 ILE B CG2  1 
ATOM 601 C CD1  . ILE B 2 23 ? -6.472  0.499   1.229   1.00 0.00 ? 23 ILE B CD1  1 
ATOM 602 H H    . ILE B 2 23 ? -7.484  0.340   -1.483  1.00 0.00 ? 23 ILE B H    1 
ATOM 603 H HA   . ILE B 2 23 ? -8.244  3.176   -1.236  1.00 0.00 ? 23 ILE B HA   1 
ATOM 604 H HB   . ILE B 2 23 ? -5.552  2.516   -0.085  1.00 0.00 ? 23 ILE B HB   1 
ATOM 605 H HG12 . ILE B 2 23 ? -6.697  2.367   2.251   1.00 0.00 ? 23 ILE B HG12 1 
ATOM 606 H HG13 . ILE B 2 23 ? -8.134  1.869   1.388   1.00 0.00 ? 23 ILE B HG13 1 
ATOM 607 H HG21 . ILE B 2 23 ? -6.375  4.842   -0.368  1.00 0.00 ? 23 ILE B HG21 1 
ATOM 608 H HG22 . ILE B 2 23 ? -7.699  4.502   0.735   1.00 0.00 ? 23 ILE B HG22 1 
ATOM 609 H HG23 . ILE B 2 23 ? -6.041  4.465   1.312   1.00 0.00 ? 23 ILE B HG23 1 
ATOM 610 H HD11 . ILE B 2 23 ? -7.261  -0.208  1.037   1.00 0.00 ? 23 ILE B HD11 1 
ATOM 611 H HD12 . ILE B 2 23 ? -5.760  0.437   0.424   1.00 0.00 ? 23 ILE B HD12 1 
ATOM 612 H HD13 . ILE B 2 23 ? -5.970  0.235   2.145   1.00 0.00 ? 23 ILE B HD13 1 
ATOM 613 N N    . CYS B 2 24 ? -5.638  1.747   -2.734  1.00 0.00 ? 24 CYS B N    1 
ATOM 614 C CA   . CYS B 2 24 ? -4.742  2.053   -3.930  1.00 0.00 ? 24 CYS B CA   1 
ATOM 615 C C    . CYS B 2 24 ? -4.383  0.885   -4.803  1.00 0.00 ? 24 CYS B C    1 
ATOM 616 O O    . CYS B 2 24 ? -3.879  -0.109  -4.341  1.00 0.00 ? 24 CYS B O    1 
ATOM 617 C CB   . CYS B 2 24 ? -3.354  2.726   -3.495  1.00 0.00 ? 24 CYS B CB   1 
ATOM 618 S SG   . CYS B 2 24 ? -1.800  2.267   -4.344  1.00 0.00 ? 24 CYS B SG   1 
ATOM 619 H H    . CYS B 2 24 ? -5.595  0.886   -2.252  1.00 0.00 ? 24 CYS B H    1 
ATOM 620 H HA   . CYS B 2 24 ? -5.299  2.703   -4.583  1.00 0.00 ? 24 CYS B HA   1 
ATOM 621 H HB2  . CYS B 2 24 ? -3.475  3.793   -3.579  1.00 0.00 ? 24 CYS B HB2  1 
ATOM 622 H HB3  . CYS B 2 24 ? -3.211  2.511   -2.447  1.00 0.00 ? 24 CYS B HB3  1 
ATOM 623 N N    . GLU B 2 25 ? -4.666  1.075   -6.064  1.00 0.00 ? 25 GLU B N    1 
ATOM 624 C CA   . GLU B 2 25 ? -4.396  0.056   -7.123  1.00 0.00 ? 25 GLU B CA   1 
ATOM 625 C C    . GLU B 2 25 ? -2.947  0.211   -7.558  1.00 0.00 ? 25 GLU B C    1 
ATOM 626 O O    . GLU B 2 25 ? -2.634  0.161   -8.733  1.00 0.00 ? 25 GLU B O    1 
ATOM 627 C CB   . GLU B 2 25 ? -5.385  0.318   -8.292  1.00 0.00 ? 25 GLU B CB   1 
ATOM 628 C CG   . GLU B 2 25 ? -5.194  1.775   -8.800  1.00 0.00 ? 25 GLU B CG   1 
ATOM 629 C CD   . GLU B 2 25 ? -6.230  2.139   -9.871  1.00 0.00 ? 25 GLU B CD   1 
ATOM 630 O OE1  . GLU B 2 25 ? -7.360  2.370   -9.474  1.00 0.00 ? 25 GLU B OE1  1 
ATOM 631 O OE2  . GLU B 2 25 ? -5.829  2.166   -11.025 1.00 0.00 ? 25 GLU B OE2  1 
ATOM 632 H H    . GLU B 2 25 ? -5.074  1.926   -6.322  1.00 0.00 ? 25 GLU B H    1 
ATOM 633 H HA   . GLU B 2 25 ? -4.510  -0.931  -6.715  1.00 0.00 ? 25 GLU B HA   1 
ATOM 634 H HB2  . GLU B 2 25 ? -5.203  -0.379  -9.097  1.00 0.00 ? 25 GLU B HB2  1 
ATOM 635 H HB3  . GLU B 2 25 ? -6.399  0.184   -7.943  1.00 0.00 ? 25 GLU B HB3  1 
ATOM 636 H HG2  . GLU B 2 25 ? -5.275  2.476   -7.989  1.00 0.00 ? 25 GLU B HG2  1 
ATOM 637 H HG3  . GLU B 2 25 ? -4.213  1.879   -9.224  1.00 0.00 ? 25 GLU B HG3  1 
ATOM 638 N N    . GLY B 2 26 ? -2.099  0.380   -6.577  1.00 0.00 ? 26 GLY B N    1 
ATOM 639 C CA   . GLY B 2 26 ? -0.663  0.555   -6.853  1.00 0.00 ? 26 GLY B CA   1 
ATOM 640 C C    . GLY B 2 26 ? -0.372  1.593   -7.936  1.00 0.00 ? 26 GLY B C    1 
ATOM 641 O O    . GLY B 2 26 ? 0.167   1.276   -8.978  1.00 0.00 ? 26 GLY B O    1 
ATOM 642 H H    . GLY B 2 26 ? -2.360  0.378   -5.622  1.00 0.00 ? 26 GLY B H    1 
ATOM 643 H HA2  . GLY B 2 26 ? -0.249  0.913   -5.932  1.00 0.00 ? 26 GLY B HA2  1 
ATOM 644 H HA3  . GLY B 2 26 ? -0.231  -0.408  -7.066  1.00 0.00 ? 26 GLY B HA3  1 
ATOM 645 N N    . GLU B 2 27 ? -0.756  2.799   -7.593  1.00 0.00 ? 27 GLU B N    1 
ATOM 646 C CA   . GLU B 2 27 ? -0.606  4.033   -8.452  1.00 0.00 ? 27 GLU B CA   1 
ATOM 647 C C    . GLU B 2 27 ? -1.699  5.063   -8.098  1.00 0.00 ? 27 GLU B C    1 
ATOM 648 O O    . GLU B 2 27 ? -1.728  6.139   -8.665  1.00 0.00 ? 27 GLU B O    1 
ATOM 649 C CB   . GLU B 2 27 ? -0.743  3.723   -9.989  1.00 0.00 ? 27 GLU B CB   1 
ATOM 650 C CG   . GLU B 2 27 ? -1.998  2.872   -10.286 1.00 0.00 ? 27 GLU B CG   1 
ATOM 651 C CD   . GLU B 2 27 ? -3.122  3.731   -10.894 1.00 0.00 ? 27 GLU B CD   1 
ATOM 652 O OE1  . GLU B 2 27 ? -3.789  4.392   -10.114 1.00 0.00 ? 27 GLU B OE1  1 
ATOM 653 O OE2  . GLU B 2 27 ? -3.255  3.680   -12.105 1.00 0.00 ? 27 GLU B OE2  1 
ATOM 654 H H    . GLU B 2 27 ? -1.159  2.886   -6.699  1.00 0.00 ? 27 GLU B H    1 
ATOM 655 H HA   . GLU B 2 27 ? 0.361   4.475   -8.254  1.00 0.00 ? 27 GLU B HA   1 
ATOM 656 H HB2  . GLU B 2 27 ? -0.792  4.653   -10.537 1.00 0.00 ? 27 GLU B HB2  1 
ATOM 657 H HB3  . GLU B 2 27 ? 0.139   3.200   -10.331 1.00 0.00 ? 27 GLU B HB3  1 
ATOM 658 H HG2  . GLU B 2 27 ? -1.750  2.073   -10.970 1.00 0.00 ? 27 GLU B HG2  1 
ATOM 659 H HG3  . GLU B 2 27 ? -2.356  2.436   -9.372  1.00 0.00 ? 27 GLU B HG3  1 
ATOM 660 N N    . SER B 2 28 ? -2.563  4.705   -7.178  1.00 0.00 ? 28 SER B N    1 
ATOM 661 C CA   . SER B 2 28 ? -3.676  5.618   -6.745  1.00 0.00 ? 28 SER B CA   1 
ATOM 662 C C    . SER B 2 28 ? -3.365  6.238   -5.370  1.00 0.00 ? 28 SER B C    1 
ATOM 663 O O    . SER B 2 28 ? -4.024  7.213   -5.050  1.00 0.00 ? 28 SER B O    1 
ATOM 664 C CB   . SER B 2 28 ? -4.983  4.814   -6.657  1.00 0.00 ? 28 SER B CB   1 
ATOM 665 O OG   . SER B 2 28 ? -5.567  4.939   -7.946  1.00 0.00 ? 28 SER B OG   1 
ATOM 666 O OXT  . SER B 2 28 ? -2.488  5.704   -4.714  1.00 0.00 ? 28 SER B OXT  1 
ATOM 667 H H    . SER B 2 28 ? -2.484  3.823   -6.757  1.00 0.00 ? 28 SER B H    1 
ATOM 668 H HA   . SER B 2 28 ? -3.782  6.419   -7.464  1.00 0.00 ? 28 SER B HA   1 
ATOM 669 H HB2  . SER B 2 28 ? -4.787  3.776   -6.445  1.00 0.00 ? 28 SER B HB2  1 
ATOM 670 H HB3  . SER B 2 28 ? -5.664  5.217   -5.922  1.00 0.00 ? 28 SER B HB3  1 
ATOM 671 H HG   . SER B 2 28 ? -5.201  4.254   -8.508  1.00 0.00 ? 28 SER B HG   1 
# 
